data_5FA5
#
_entry.id   5FA5
#
_cell.length_a   102.050
_cell.length_b   137.850
_cell.length_c   178.430
_cell.angle_alpha   90.000
_cell.angle_beta   90.000
_cell.angle_gamma   90.000
#
_symmetry.space_group_name_H-M   'I 2 2 2'
#
loop_
_entity.id
_entity.type
_entity.pdbx_description
1 polymer 'Protein arginine N-methyltransferase 5'
2 polymer 'Methylosome protein 50'
3 polymer 'Histone H4'
4 non-polymer "5'-DEOXY-5'-METHYLTHIOADENOSINE"
5 water water
#
loop_
_entity_poly.entity_id
_entity_poly.type
_entity_poly.pdbx_seq_one_letter_code
_entity_poly.pdbx_strand_id
1 'polypeptide(L)'
;MDYKDDDDKGRATMAAMAVGGAGGSRVSSGRDLNCVPEIADTLGAVAKQGFDFLCMPVFHPRFKREFIQEPAKNRPGPQT
RSDLLLSGRDWNTLIVGKLSPWIRPDSKVEKIRRNSEAAMLQELNFGAYLGLPAFLLPLNQEDNTNLARVLTNHIHTGHH
SSMFWMRVPLVAPEDLRDDIIENAPTTHTEEYSGEEKTWMWWHNFRTLCDYSKRIAVALEIGADLPSNHVIDRWLGEPIK
AAILPTSIFLTNKKGFPVLSKMHQRLIFRLLKLEVQFIITGTNHHSEKEFCSYLQYLEYLSQNRPPPNAYELFAKGYEDY
LQSPLQPLMDNLESQTYEVFEKDPIKYSQYQQAIYKCLLDRVPEEEKDTNVQVLMVLGAGRGPLVNASLRAAKQADRRIK
LYAVEKNPNAVVTLENWQFEEWGSQVTVVSSDMREWVAPEKADIIVSELLGSFADNELSPECLDGAQHFLKDDGVSIPGE
YTSFLAPISSSKLYNEVRACREKDRDPEAQFEMPYVVRLHNFHQLSAPQPCFTFSHPNRDPMIDNNRYCTLEFPVEVNTV
LHGFAGYFETVLYQDITLSIRPETHSPGMFSWFPILFPIKQPITVREGQTICVRFWRCSNSKKVWYEWAVTAPVCSAIHN
PTGRSYTIGL
;
A
2 'polypeptide(L)'
;MSYYHHHHHHDYDLPTTENLYFQGSLRKETPPPLVPPAAREWNLPPNAPACMERQLEAARYRSDGALLLGASSLSGRCWA
GSLWLFKDPCAAPNEGFCSAGVQTEAGVADLTWVGERGILVASDSGAVELWELDENETLIVSKFCKYEHDDIVSTVSVLS
SGTQAVSGSKDICIKVWDLAQQVVLSSYRAHAAQVTCVAASPHKDSVFLSCSEDNRILLWDTRCPKPASQIGCSAPGYLP
TSLAWHPQQSEVFVFGDENGTVSLVDTKSTSCVLSSAVHSQCVTGLVFSPHSVPFLASLSEDCSLAVLDSSLSELFRSQA
HRDFVRDATWSPLNHSLLTTVGWDHQVVHHVVPTEPLPAPGPASVTE
;
B
3 'polypeptide(L)' SGRGKGGKGLGKGGAKRHRK C
#
loop_
_chem_comp.id
_chem_comp.type
_chem_comp.name
_chem_comp.formula
MTA non-polymer 5'-DEOXY-5'-METHYLTHIOADENOSINE 'C11 H15 N5 O3 S'
#
# COMPACT_ATOMS: atom_id res chain seq x y z
N ARG A 26 13.03 12.78 -8.96
CA ARG A 26 12.57 11.77 -9.91
C ARG A 26 11.76 10.69 -9.21
N VAL A 27 10.64 10.31 -9.82
CA VAL A 27 9.74 9.29 -9.28
C VAL A 27 10.05 7.90 -9.82
N SER A 28 9.98 6.88 -8.93
CA SER A 28 10.13 5.48 -9.32
C SER A 28 8.73 4.99 -9.59
N SER A 29 8.47 4.61 -10.83
CA SER A 29 7.14 4.24 -11.29
C SER A 29 7.03 2.90 -11.96
N GLY A 30 5.86 2.30 -11.81
CA GLY A 30 5.53 1.04 -12.45
C GLY A 30 4.21 1.10 -13.20
N ARG A 31 4.09 0.22 -14.21
CA ARG A 31 2.88 0.10 -15.03
C ARG A 31 2.16 -1.18 -14.64
N ASP A 32 0.92 -1.05 -14.21
CA ASP A 32 0.12 -2.23 -13.86
C ASP A 32 -0.62 -2.68 -15.09
N LEU A 33 -0.36 -3.91 -15.53
CA LEU A 33 -1.07 -4.49 -16.66
C LEU A 33 -1.69 -5.82 -16.30
N ASN A 34 -2.87 -6.12 -16.86
CA ASN A 34 -3.54 -7.41 -16.69
C ASN A 34 -3.55 -8.18 -18.02
N CYS A 35 -3.07 -7.54 -19.10
CA CYS A 35 -3.02 -8.11 -20.44
C CYS A 35 -1.62 -7.90 -20.99
N VAL A 36 -0.87 -9.02 -21.13
CA VAL A 36 0.51 -9.06 -21.62
C VAL A 36 0.62 -10.17 -22.71
N PRO A 37 0.26 -9.86 -23.99
CA PRO A 37 0.33 -10.90 -25.05
C PRO A 37 1.71 -11.47 -25.29
N GLU A 38 2.75 -10.61 -25.29
CA GLU A 38 4.16 -10.98 -25.48
C GLU A 38 5.01 -10.14 -24.52
N ILE A 39 5.68 -10.79 -23.51
CA ILE A 39 6.50 -10.06 -22.49
C ILE A 39 7.53 -9.09 -23.04
N ALA A 40 8.42 -9.58 -23.91
CA ALA A 40 9.49 -8.76 -24.45
C ALA A 40 8.96 -7.50 -25.15
N ASP A 41 7.88 -7.64 -25.94
CA ASP A 41 7.21 -6.50 -26.61
C ASP A 41 6.56 -5.56 -25.58
N THR A 42 5.90 -6.13 -24.56
CA THR A 42 5.25 -5.39 -23.49
C THR A 42 6.23 -4.58 -22.63
N LEU A 43 7.32 -5.21 -22.14
CA LEU A 43 8.35 -4.56 -21.31
C LEU A 43 8.97 -3.39 -22.06
N GLY A 44 9.35 -3.61 -23.31
CA GLY A 44 9.92 -2.59 -24.18
C GLY A 44 9.03 -1.38 -24.32
N ALA A 45 7.74 -1.60 -24.65
CA ALA A 45 6.75 -0.52 -24.77
C ALA A 45 6.66 0.29 -23.48
N VAL A 46 6.52 -0.40 -22.33
CA VAL A 46 6.40 0.13 -20.98
C VAL A 46 7.63 0.98 -20.61
N ALA A 47 8.84 0.47 -20.90
CA ALA A 47 10.12 1.14 -20.61
C ALA A 47 10.33 2.37 -21.50
N LYS A 48 9.82 2.32 -22.75
CA LYS A 48 9.90 3.46 -23.68
C LYS A 48 9.06 4.61 -23.11
N GLN A 49 7.90 4.28 -22.47
CA GLN A 49 7.00 5.24 -21.81
C GLN A 49 7.65 5.86 -20.56
N GLY A 50 8.73 5.27 -20.07
CA GLY A 50 9.46 5.80 -18.92
C GLY A 50 9.23 5.10 -17.61
N PHE A 51 8.50 3.97 -17.60
CA PHE A 51 8.27 3.22 -16.36
C PHE A 51 9.51 2.42 -15.98
N ASP A 52 9.74 2.26 -14.69
CA ASP A 52 10.89 1.52 -14.15
C ASP A 52 10.59 0.03 -14.01
N PHE A 53 9.29 -0.32 -13.83
CA PHE A 53 8.89 -1.72 -13.69
C PHE A 53 7.50 -2.01 -14.23
N LEU A 54 7.21 -3.30 -14.40
CA LEU A 54 5.92 -3.80 -14.88
C LEU A 54 5.32 -4.76 -13.86
N CYS A 55 4.06 -4.50 -13.45
CA CYS A 55 3.27 -5.37 -12.59
C CYS A 55 2.44 -6.18 -13.58
N MET A 56 2.62 -7.50 -13.56
CA MET A 56 1.95 -8.35 -14.53
C MET A 56 1.58 -9.72 -13.98
N PRO A 57 0.60 -10.42 -14.60
CA PRO A 57 0.29 -11.80 -14.17
C PRO A 57 1.41 -12.75 -14.59
N VAL A 58 1.71 -13.76 -13.75
CA VAL A 58 2.73 -14.77 -14.08
C VAL A 58 2.14 -16.03 -14.74
N PHE A 59 0.81 -16.20 -14.60
CA PHE A 59 -0.03 -17.22 -15.23
C PHE A 59 -1.10 -16.36 -15.86
N HIS A 60 -1.73 -16.80 -16.95
CA HIS A 60 -2.78 -16.00 -17.57
C HIS A 60 -3.91 -15.77 -16.55
N PRO A 61 -4.37 -14.52 -16.32
CA PRO A 61 -5.41 -14.26 -15.29
C PRO A 61 -6.75 -15.02 -15.38
N ARG A 62 -7.08 -15.52 -16.58
CA ARG A 62 -8.28 -16.30 -16.86
C ARG A 62 -7.97 -17.82 -16.91
N PHE A 63 -6.70 -18.23 -16.84
CA PHE A 63 -6.34 -19.65 -16.90
C PHE A 63 -6.54 -20.40 -15.56
N LYS A 64 -7.80 -20.64 -15.20
CA LYS A 64 -8.19 -21.33 -13.97
C LYS A 64 -7.73 -22.79 -14.07
N ARG A 65 -7.06 -23.26 -13.02
CA ARG A 65 -6.47 -24.58 -12.94
C ARG A 65 -7.13 -25.37 -11.83
N GLU A 66 -7.28 -26.66 -12.06
CA GLU A 66 -7.89 -27.65 -11.16
C GLU A 66 -6.74 -28.52 -10.60
N PHE A 67 -6.81 -28.82 -9.31
CA PHE A 67 -5.79 -29.58 -8.60
C PHE A 67 -6.29 -30.89 -8.00
N ILE A 68 -7.61 -31.04 -7.85
CA ILE A 68 -8.20 -32.22 -7.19
C ILE A 68 -9.02 -33.11 -8.14
N GLN A 69 -9.92 -32.52 -8.96
CA GLN A 69 -10.82 -33.26 -9.83
C GLN A 69 -10.32 -33.63 -11.20
N GLU A 70 -10.44 -34.92 -11.54
CA GLU A 70 -10.14 -35.41 -12.89
C GLU A 70 -11.42 -35.08 -13.69
N PRO A 71 -11.39 -34.79 -15.01
CA PRO A 71 -10.25 -34.82 -15.94
C PRO A 71 -9.38 -33.56 -15.95
N ALA A 72 -9.95 -32.39 -15.57
CA ALA A 72 -9.27 -31.09 -15.58
C ALA A 72 -7.96 -31.02 -14.81
N LYS A 73 -7.78 -31.81 -13.70
CA LYS A 73 -6.48 -31.76 -12.98
C LYS A 73 -5.31 -32.24 -13.84
N ASN A 74 -5.62 -33.10 -14.83
CA ASN A 74 -4.63 -33.68 -15.73
C ASN A 74 -4.43 -32.90 -17.03
N ARG A 75 -4.84 -31.62 -17.06
CA ARG A 75 -4.65 -30.71 -18.21
C ARG A 75 -3.17 -30.68 -18.66
N PRO A 76 -2.90 -30.94 -19.94
CA PRO A 76 -1.51 -30.94 -20.40
C PRO A 76 -0.91 -29.56 -20.69
N GLY A 77 0.15 -29.59 -21.52
CA GLY A 77 0.92 -28.47 -22.06
C GLY A 77 1.57 -27.70 -20.95
N PRO A 78 2.33 -26.62 -21.25
CA PRO A 78 2.91 -25.81 -20.14
C PRO A 78 1.81 -25.05 -19.37
N GLN A 79 1.98 -24.84 -18.04
CA GLN A 79 0.97 -24.13 -17.23
C GLN A 79 1.07 -22.61 -17.36
N THR A 80 2.24 -22.14 -17.84
CA THR A 80 2.51 -20.74 -18.11
C THR A 80 3.64 -20.59 -19.12
N ARG A 81 4.06 -19.33 -19.34
CA ARG A 81 5.13 -19.03 -20.27
C ARG A 81 6.47 -19.26 -19.60
N SER A 82 7.55 -19.36 -20.41
CA SER A 82 8.89 -19.67 -19.95
C SER A 82 9.63 -18.54 -19.27
N ASP A 83 10.48 -18.91 -18.29
CA ASP A 83 11.42 -18.06 -17.57
C ASP A 83 12.55 -17.62 -18.52
N LEU A 84 12.71 -18.35 -19.63
CA LEU A 84 13.71 -18.06 -20.65
C LEU A 84 13.34 -16.86 -21.52
N LEU A 85 12.11 -16.32 -21.37
CA LEU A 85 11.63 -15.16 -22.14
C LEU A 85 12.30 -13.86 -21.77
N LEU A 86 12.87 -13.80 -20.56
CA LEU A 86 13.59 -12.64 -20.03
C LEU A 86 14.90 -13.08 -19.37
N SER A 87 15.88 -12.15 -19.30
CA SER A 87 17.15 -12.37 -18.60
C SER A 87 16.82 -12.39 -17.09
N GLY A 88 17.66 -13.06 -16.31
CA GLY A 88 17.52 -13.15 -14.87
C GLY A 88 17.54 -11.80 -14.19
N ARG A 89 18.33 -10.85 -14.75
CA ARG A 89 18.41 -9.47 -14.23
C ARG A 89 17.02 -8.77 -14.36
N ASP A 90 16.35 -8.94 -15.52
CA ASP A 90 15.03 -8.39 -15.80
C ASP A 90 13.95 -8.93 -14.88
N TRP A 91 13.93 -10.27 -14.63
CA TRP A 91 12.99 -10.85 -13.66
C TRP A 91 13.22 -10.24 -12.31
N ASN A 92 14.51 -10.13 -11.87
CA ASN A 92 14.86 -9.58 -10.55
C ASN A 92 14.57 -8.10 -10.34
N THR A 93 14.57 -7.33 -11.43
CA THR A 93 14.48 -5.88 -11.31
C THR A 93 13.27 -5.21 -11.91
N LEU A 94 12.78 -5.70 -13.07
CA LEU A 94 11.71 -5.05 -13.82
C LEU A 94 10.29 -5.64 -13.66
N ILE A 95 10.13 -6.81 -13.01
CA ILE A 95 8.84 -7.49 -12.93
C ILE A 95 8.28 -7.65 -11.54
N VAL A 96 7.04 -7.18 -11.38
CA VAL A 96 6.29 -7.37 -10.16
C VAL A 96 5.17 -8.34 -10.52
N GLY A 97 5.19 -9.51 -9.88
CA GLY A 97 4.17 -10.53 -10.11
C GLY A 97 2.82 -10.13 -9.51
N LYS A 98 1.75 -10.70 -10.08
CA LYS A 98 0.38 -10.42 -9.60
C LYS A 98 -0.34 -11.74 -9.37
N LEU A 99 -1.08 -11.84 -8.27
CA LEU A 99 -1.86 -13.05 -8.01
C LEU A 99 -3.10 -13.04 -8.94
N SER A 100 -3.40 -14.21 -9.56
CA SER A 100 -4.54 -14.38 -10.47
C SER A 100 -5.86 -14.00 -9.74
N PRO A 101 -6.74 -13.18 -10.37
CA PRO A 101 -7.97 -12.74 -9.69
C PRO A 101 -9.00 -13.82 -9.32
N TRP A 102 -8.92 -15.03 -9.91
CA TRP A 102 -9.81 -16.17 -9.59
C TRP A 102 -9.38 -16.90 -8.28
N ILE A 103 -8.16 -16.64 -7.75
CA ILE A 103 -7.66 -17.29 -6.54
C ILE A 103 -8.37 -16.73 -5.33
N ARG A 104 -9.29 -17.51 -4.76
CA ARG A 104 -10.09 -17.07 -3.61
C ARG A 104 -9.87 -17.98 -2.39
N PRO A 105 -8.77 -17.83 -1.60
CA PRO A 105 -8.56 -18.74 -0.45
C PRO A 105 -9.60 -18.62 0.66
N ASP A 106 -10.38 -17.52 0.69
CA ASP A 106 -11.42 -17.33 1.70
C ASP A 106 -12.84 -17.54 1.23
N SER A 107 -13.00 -18.19 0.07
CA SER A 107 -14.30 -18.54 -0.52
C SER A 107 -15.20 -19.32 0.49
N LYS A 108 -16.52 -19.22 0.37
CA LYS A 108 -17.42 -19.97 1.25
C LYS A 108 -17.55 -21.40 0.73
N VAL A 109 -17.11 -21.64 -0.52
CA VAL A 109 -17.11 -22.94 -1.21
C VAL A 109 -15.78 -23.66 -0.98
N GLU A 110 -15.83 -24.78 -0.22
CA GLU A 110 -14.74 -25.68 0.13
C GLU A 110 -13.82 -26.05 -1.05
N LYS A 111 -14.39 -26.45 -2.19
CA LYS A 111 -13.61 -26.81 -3.40
C LYS A 111 -12.85 -25.60 -3.92
N ILE A 112 -13.46 -24.39 -3.82
CA ILE A 112 -12.81 -23.18 -4.28
C ILE A 112 -11.70 -22.84 -3.36
N ARG A 113 -11.87 -23.04 -2.03
CA ARG A 113 -10.83 -22.75 -1.04
C ARG A 113 -9.59 -23.59 -1.25
N ARG A 114 -9.77 -24.91 -1.50
CA ARG A 114 -8.71 -25.89 -1.72
C ARG A 114 -7.97 -25.66 -3.03
N ASN A 115 -8.69 -25.39 -4.13
CA ASN A 115 -8.01 -25.10 -5.41
C ASN A 115 -7.27 -23.79 -5.31
N SER A 116 -7.83 -22.82 -4.56
CA SER A 116 -7.18 -21.52 -4.41
C SER A 116 -5.92 -21.62 -3.60
N GLU A 117 -5.92 -22.44 -2.54
CA GLU A 117 -4.74 -22.66 -1.69
C GLU A 117 -3.59 -23.21 -2.55
N ALA A 118 -3.87 -24.31 -3.29
CA ALA A 118 -2.88 -24.95 -4.17
C ALA A 118 -2.38 -23.98 -5.27
N ALA A 119 -3.30 -23.17 -5.87
CA ALA A 119 -2.97 -22.20 -6.95
C ALA A 119 -2.17 -21.01 -6.44
N MET A 120 -2.43 -20.60 -5.19
CA MET A 120 -1.74 -19.49 -4.56
C MET A 120 -0.31 -19.90 -4.25
N LEU A 121 -0.12 -21.12 -3.66
CA LEU A 121 1.22 -21.67 -3.41
C LEU A 121 1.98 -21.79 -4.72
N GLN A 122 1.34 -22.35 -5.75
CA GLN A 122 1.92 -22.50 -7.06
C GLN A 122 2.42 -21.17 -7.65
N GLU A 123 1.61 -20.12 -7.60
CA GLU A 123 1.93 -18.79 -8.14
C GLU A 123 3.03 -18.09 -7.36
N LEU A 124 2.95 -18.19 -6.02
CA LEU A 124 3.97 -17.65 -5.12
C LEU A 124 5.33 -18.30 -5.38
N ASN A 125 5.33 -19.64 -5.51
CA ASN A 125 6.53 -20.45 -5.79
C ASN A 125 7.15 -20.15 -7.14
N PHE A 126 6.32 -19.92 -8.17
CA PHE A 126 6.83 -19.54 -9.50
C PHE A 126 7.51 -18.15 -9.40
N GLY A 127 6.90 -17.24 -8.64
CA GLY A 127 7.44 -15.91 -8.39
C GLY A 127 8.81 -15.99 -7.75
N ALA A 128 8.94 -16.87 -6.71
CA ALA A 128 10.19 -17.13 -5.97
C ALA A 128 11.22 -17.81 -6.90
N TYR A 129 10.75 -18.71 -7.79
CA TYR A 129 11.56 -19.37 -8.82
C TYR A 129 12.17 -18.33 -9.75
N LEU A 130 11.36 -17.34 -10.16
CA LEU A 130 11.77 -16.26 -11.07
C LEU A 130 12.63 -15.21 -10.39
N GLY A 131 12.63 -15.17 -9.06
CA GLY A 131 13.41 -14.20 -8.28
C GLY A 131 12.88 -12.79 -8.37
N LEU A 132 11.53 -12.65 -8.44
CA LEU A 132 10.78 -11.39 -8.52
C LEU A 132 11.01 -10.53 -7.29
N PRO A 133 11.29 -9.22 -7.47
CA PRO A 133 11.51 -8.33 -6.31
C PRO A 133 10.29 -8.16 -5.40
N ALA A 134 9.09 -8.24 -5.98
CA ALA A 134 7.82 -8.08 -5.28
C ALA A 134 6.75 -8.87 -5.98
N PHE A 135 5.67 -9.12 -5.26
CA PHE A 135 4.50 -9.89 -5.71
C PHE A 135 3.24 -9.23 -5.09
N LEU A 136 2.24 -8.87 -5.92
CA LEU A 136 0.99 -8.22 -5.48
C LEU A 136 -0.12 -9.22 -5.12
N LEU A 137 -0.70 -9.05 -3.94
CA LEU A 137 -1.85 -9.84 -3.44
C LEU A 137 -2.95 -8.85 -3.02
N PRO A 138 -4.22 -9.09 -3.41
CA PRO A 138 -5.30 -8.16 -3.04
C PRO A 138 -5.89 -8.41 -1.67
N LEU A 139 -6.25 -7.32 -1.00
CA LEU A 139 -7.04 -7.34 0.22
C LEU A 139 -8.27 -6.58 -0.22
N ASN A 140 -9.31 -7.34 -0.66
CA ASN A 140 -10.53 -6.77 -1.24
C ASN A 140 -11.83 -7.17 -0.52
N GLN A 141 -11.71 -7.69 0.70
CA GLN A 141 -12.86 -8.07 1.54
C GLN A 141 -12.36 -8.12 2.98
N GLU A 142 -13.28 -8.33 3.91
CA GLU A 142 -12.94 -8.31 5.32
C GLU A 142 -12.13 -9.54 5.77
N ASP A 143 -12.64 -10.73 5.46
CA ASP A 143 -12.01 -11.99 5.86
C ASP A 143 -10.94 -12.47 4.86
N ASN A 144 -9.68 -12.43 5.30
CA ASN A 144 -8.53 -12.88 4.52
C ASN A 144 -7.67 -13.83 5.36
N THR A 145 -8.31 -14.51 6.32
CA THR A 145 -7.65 -15.41 7.27
C THR A 145 -6.83 -16.49 6.57
N ASN A 146 -7.44 -17.21 5.63
CA ASN A 146 -6.80 -18.29 4.91
C ASN A 146 -5.80 -17.79 3.88
N LEU A 147 -5.99 -16.59 3.30
CA LEU A 147 -5.01 -15.99 2.39
C LEU A 147 -3.72 -15.70 3.22
N ALA A 148 -3.89 -15.18 4.46
CA ALA A 148 -2.82 -14.92 5.42
C ALA A 148 -2.13 -16.22 5.85
N ARG A 149 -2.91 -17.29 6.09
CA ARG A 149 -2.29 -18.56 6.48
C ARG A 149 -1.42 -19.13 5.35
N VAL A 150 -1.91 -19.07 4.12
CA VAL A 150 -1.17 -19.55 2.96
C VAL A 150 0.09 -18.68 2.73
N LEU A 151 -0.02 -17.35 2.87
CA LEU A 151 1.15 -16.50 2.69
C LEU A 151 2.21 -16.74 3.76
N THR A 152 1.80 -16.86 5.03
CA THR A 152 2.66 -17.11 6.19
C THR A 152 3.41 -18.44 5.99
N ASN A 153 2.72 -19.43 5.43
CA ASN A 153 3.28 -20.73 5.14
C ASN A 153 4.31 -20.70 4.00
N HIS A 154 4.06 -19.90 2.92
CA HIS A 154 5.01 -19.71 1.83
C HIS A 154 6.27 -19.02 2.35
N ILE A 155 6.10 -17.99 3.19
CA ILE A 155 7.17 -17.23 3.83
C ILE A 155 8.12 -18.14 4.63
N HIS A 156 7.61 -19.18 5.29
CA HIS A 156 8.40 -20.11 6.09
C HIS A 156 8.82 -21.36 5.33
N THR A 157 8.53 -21.45 4.03
CA THR A 157 8.91 -22.56 3.17
C THR A 157 10.00 -22.08 2.24
N GLY A 158 11.05 -22.88 2.08
CA GLY A 158 12.15 -22.58 1.18
C GLY A 158 12.95 -21.33 1.48
N HIS A 159 13.86 -21.03 0.55
CA HIS A 159 14.77 -19.89 0.64
C HIS A 159 14.44 -18.86 -0.42
N HIS A 160 13.77 -17.78 0.01
CA HIS A 160 13.39 -16.67 -0.83
C HIS A 160 13.31 -15.40 0.00
N SER A 161 13.29 -14.24 -0.67
CA SER A 161 13.26 -12.92 -0.03
C SER A 161 12.49 -11.88 -0.88
N SER A 162 11.37 -12.30 -1.46
CA SER A 162 10.54 -11.40 -2.25
C SER A 162 9.67 -10.56 -1.29
N MET A 163 9.36 -9.32 -1.67
CA MET A 163 8.46 -8.47 -0.90
C MET A 163 7.03 -8.85 -1.31
N PHE A 164 6.10 -8.78 -0.37
CA PHE A 164 4.70 -9.05 -0.67
C PHE A 164 3.94 -7.75 -0.52
N TRP A 165 3.40 -7.23 -1.62
CA TRP A 165 2.69 -5.95 -1.61
C TRP A 165 1.20 -6.21 -1.60
N MET A 166 0.54 -5.87 -0.49
CA MET A 166 -0.90 -6.03 -0.30
C MET A 166 -1.62 -4.85 -0.89
N ARG A 167 -2.42 -5.13 -1.93
CA ARG A 167 -3.23 -4.18 -2.70
C ARG A 167 -4.52 -3.92 -1.93
N VAL A 168 -4.56 -2.74 -1.30
CA VAL A 168 -5.68 -2.37 -0.45
C VAL A 168 -6.19 -0.98 -0.79
N PRO A 169 -7.51 -0.83 -0.95
CA PRO A 169 -8.05 0.49 -1.33
C PRO A 169 -8.25 1.40 -0.14
N LEU A 170 -8.07 2.72 -0.37
CA LEU A 170 -8.36 3.74 0.62
C LEU A 170 -9.86 3.59 1.02
N VAL A 171 -10.72 3.44 -0.01
CA VAL A 171 -12.18 3.31 0.11
C VAL A 171 -12.56 2.01 -0.55
N ALA A 172 -13.28 1.13 0.18
CA ALA A 172 -13.79 -0.17 -0.28
C ALA A 172 -14.72 0.01 -1.51
N PRO A 173 -14.70 -0.89 -2.52
CA PRO A 173 -15.60 -0.71 -3.69
C PRO A 173 -17.08 -0.63 -3.34
N GLU A 174 -17.49 -1.30 -2.22
CA GLU A 174 -18.86 -1.25 -1.71
C GLU A 174 -19.23 0.16 -1.25
N ASP A 175 -18.25 0.91 -0.74
CA ASP A 175 -18.46 2.27 -0.20
C ASP A 175 -18.34 3.38 -1.25
N LEU A 176 -17.90 3.06 -2.47
CA LEU A 176 -17.76 4.10 -3.50
C LEU A 176 -18.65 3.85 -4.73
N ARG A 177 -19.55 2.83 -4.64
CA ARG A 177 -20.46 2.48 -5.74
C ARG A 177 -21.41 3.60 -6.03
N ASP A 178 -21.80 3.74 -7.32
CA ASP A 178 -22.78 4.73 -7.76
C ASP A 178 -24.11 4.43 -7.08
N ASP A 179 -24.86 5.48 -6.70
CA ASP A 179 -26.14 5.34 -6.03
C ASP A 179 -27.20 5.11 -7.10
N ILE A 180 -27.12 3.92 -7.72
CA ILE A 180 -27.98 3.56 -8.87
C ILE A 180 -28.83 2.31 -8.64
N ILE A 181 -28.74 1.67 -7.46
CA ILE A 181 -29.58 0.51 -7.15
C ILE A 181 -30.78 1.03 -6.39
N GLU A 182 -31.92 1.08 -7.07
CA GLU A 182 -33.22 1.53 -6.58
C GLU A 182 -33.58 1.01 -5.18
N ASN A 183 -33.44 -0.31 -4.93
CA ASN A 183 -33.80 -0.96 -3.66
C ASN A 183 -32.65 -1.22 -2.69
N ALA A 184 -31.42 -0.79 -3.04
CA ALA A 184 -30.24 -0.90 -2.16
C ALA A 184 -29.50 0.46 -2.20
N PRO A 185 -30.08 1.52 -1.58
CA PRO A 185 -29.41 2.84 -1.60
C PRO A 185 -28.10 2.90 -0.79
N THR A 186 -27.22 3.85 -1.17
CA THR A 186 -25.95 4.08 -0.50
C THR A 186 -26.22 4.97 0.70
N THR A 187 -25.66 4.63 1.87
CA THR A 187 -25.86 5.40 3.11
C THR A 187 -25.26 6.81 3.06
N HIS A 188 -26.09 7.81 3.37
CA HIS A 188 -25.67 9.22 3.35
C HIS A 188 -25.17 9.69 4.74
N THR A 189 -25.40 8.86 5.79
CA THR A 189 -25.01 9.16 7.17
C THR A 189 -23.55 8.79 7.45
N GLU A 190 -22.88 9.59 8.31
CA GLU A 190 -21.47 9.36 8.67
C GLU A 190 -21.27 8.09 9.51
N GLU A 191 -20.32 7.26 9.07
CA GLU A 191 -19.91 6.03 9.74
C GLU A 191 -18.41 6.17 10.01
N TYR A 192 -18.04 6.94 11.06
CA TYR A 192 -16.63 7.24 11.40
C TYR A 192 -15.66 6.04 11.31
N SER A 193 -15.95 4.96 12.05
CA SER A 193 -15.12 3.75 12.04
C SER A 193 -15.30 2.90 10.77
N GLY A 194 -16.54 2.87 10.26
CA GLY A 194 -16.90 2.18 9.02
C GLY A 194 -16.17 2.71 7.80
N GLU A 195 -15.87 4.01 7.75
CA GLU A 195 -15.14 4.60 6.62
C GLU A 195 -13.64 4.23 6.69
N GLU A 196 -13.23 3.69 7.83
CA GLU A 196 -11.84 3.27 8.06
C GLU A 196 -11.67 1.78 7.88
N LYS A 197 -12.70 1.06 7.45
CA LYS A 197 -12.74 -0.40 7.32
C LYS A 197 -11.55 -1.08 6.59
N THR A 198 -11.05 -0.49 5.47
CA THR A 198 -9.97 -1.12 4.72
C THR A 198 -8.64 -1.10 5.48
N TRP A 199 -8.48 -0.14 6.42
CA TRP A 199 -7.31 -0.13 7.29
C TRP A 199 -7.39 -1.37 8.19
N MET A 200 -8.59 -1.71 8.71
CA MET A 200 -8.75 -2.89 9.57
C MET A 200 -8.50 -4.20 8.77
N TRP A 201 -8.80 -4.18 7.42
CA TRP A 201 -8.58 -5.34 6.56
C TRP A 201 -7.09 -5.62 6.59
N TRP A 202 -6.30 -4.53 6.34
CA TRP A 202 -4.87 -4.54 6.39
C TRP A 202 -4.33 -4.93 7.81
N HIS A 203 -4.76 -4.24 8.86
CA HIS A 203 -4.28 -4.47 10.23
C HIS A 203 -4.44 -5.92 10.66
N ASN A 204 -5.62 -6.51 10.42
CA ASN A 204 -5.90 -7.92 10.71
C ASN A 204 -5.01 -8.83 9.92
N PHE A 205 -4.82 -8.55 8.63
CA PHE A 205 -3.96 -9.37 7.78
C PHE A 205 -2.53 -9.44 8.29
N ARG A 206 -1.92 -8.27 8.55
CA ARG A 206 -0.53 -8.22 9.06
C ARG A 206 -0.37 -8.73 10.51
N THR A 207 -1.45 -8.75 11.32
CA THR A 207 -1.42 -9.25 12.70
C THR A 207 -1.28 -10.76 12.63
N LEU A 208 -2.13 -11.39 11.80
CA LEU A 208 -2.16 -12.82 11.49
C LEU A 208 -0.78 -13.33 10.99
N CYS A 209 -0.17 -12.56 10.09
CA CYS A 209 1.14 -12.80 9.46
C CYS A 209 2.33 -12.45 10.37
N ASP A 210 2.05 -11.96 11.59
CA ASP A 210 3.04 -11.65 12.62
C ASP A 210 4.02 -10.52 12.30
N TYR A 211 3.50 -9.42 11.75
CA TYR A 211 4.29 -8.24 11.40
C TYR A 211 5.54 -8.58 10.58
N SER A 212 5.44 -9.49 9.59
CA SER A 212 6.61 -9.85 8.77
C SER A 212 7.08 -8.61 8.03
N LYS A 213 8.41 -8.40 7.99
CA LYS A 213 9.07 -7.26 7.33
C LYS A 213 8.86 -7.35 5.84
N ARG A 214 8.58 -8.57 5.35
CA ARG A 214 8.38 -8.86 3.94
C ARG A 214 6.95 -8.51 3.41
N ILE A 215 6.02 -8.11 4.30
CA ILE A 215 4.64 -7.77 3.94
C ILE A 215 4.39 -6.26 4.05
N ALA A 216 4.08 -5.62 2.92
CA ALA A 216 3.92 -4.19 2.82
C ALA A 216 2.60 -3.79 2.15
N VAL A 217 2.29 -2.48 2.17
CA VAL A 217 1.06 -1.93 1.56
C VAL A 217 1.31 -1.35 0.18
N ALA A 218 0.39 -1.65 -0.74
CA ALA A 218 0.24 -1.10 -2.09
C ALA A 218 -1.13 -0.37 -2.00
N LEU A 219 -1.10 0.88 -1.54
CA LEU A 219 -2.32 1.66 -1.33
C LEU A 219 -2.96 2.14 -2.62
N GLU A 220 -4.20 1.71 -2.87
CA GLU A 220 -4.95 2.08 -4.06
C GLU A 220 -5.85 3.33 -3.85
N ILE A 221 -5.68 4.35 -4.72
CA ILE A 221 -6.33 5.68 -4.67
C ILE A 221 -7.50 5.82 -5.65
N GLY A 222 -8.65 6.20 -5.13
CA GLY A 222 -9.88 6.38 -5.91
C GLY A 222 -10.17 7.81 -6.31
N ALA A 223 -11.18 8.00 -7.21
CA ALA A 223 -11.63 9.29 -7.75
C ALA A 223 -12.05 10.24 -6.66
N ASP A 224 -12.80 9.72 -5.69
CA ASP A 224 -13.24 10.53 -4.56
C ASP A 224 -12.47 10.09 -3.33
N LEU A 225 -11.72 11.04 -2.77
CA LEU A 225 -10.91 10.82 -1.57
C LEU A 225 -11.82 10.75 -0.34
N PRO A 226 -11.48 9.92 0.66
CA PRO A 226 -12.32 9.88 1.87
C PRO A 226 -11.99 11.07 2.77
N SER A 227 -12.66 11.19 3.93
CA SER A 227 -12.31 12.29 4.84
C SER A 227 -10.92 12.03 5.43
N ASN A 228 -10.24 13.12 5.84
CA ASN A 228 -8.88 13.13 6.37
C ASN A 228 -8.52 12.05 7.35
N HIS A 229 -9.41 11.74 8.32
CA HIS A 229 -9.18 10.73 9.34
C HIS A 229 -8.92 9.34 8.72
N VAL A 230 -9.58 9.04 7.62
CA VAL A 230 -9.43 7.78 6.88
C VAL A 230 -8.03 7.73 6.26
N ILE A 231 -7.59 8.83 5.62
CA ILE A 231 -6.27 8.97 5.02
C ILE A 231 -5.18 8.86 6.11
N ASP A 232 -5.35 9.59 7.21
CA ASP A 232 -4.40 9.61 8.34
C ASP A 232 -4.27 8.24 9.04
N ARG A 233 -5.24 7.34 8.82
CA ARG A 233 -5.15 5.99 9.40
C ARG A 233 -3.92 5.24 8.90
N TRP A 234 -3.42 5.62 7.70
CA TRP A 234 -2.29 5.00 6.97
C TRP A 234 -0.93 5.51 7.33
N LEU A 235 -0.91 6.57 8.15
CA LEU A 235 0.28 7.23 8.69
C LEU A 235 1.00 6.18 9.63
N GLY A 236 2.29 5.99 9.39
CA GLY A 236 3.10 5.03 10.13
C GLY A 236 3.03 3.62 9.59
N GLU A 237 2.21 3.40 8.56
CA GLU A 237 2.07 2.08 7.93
C GLU A 237 3.15 1.89 6.87
N PRO A 238 3.65 0.63 6.67
CA PRO A 238 4.69 0.39 5.63
C PRO A 238 4.22 0.50 4.19
N ILE A 239 3.89 1.70 3.73
CA ILE A 239 3.42 1.86 2.35
C ILE A 239 4.64 1.78 1.43
N LYS A 240 4.69 0.76 0.58
CA LYS A 240 5.79 0.62 -0.36
C LYS A 240 5.42 1.14 -1.73
N ALA A 241 4.11 1.14 -2.04
CA ALA A 241 3.60 1.65 -3.34
C ALA A 241 2.23 2.30 -3.23
N ALA A 242 1.96 3.26 -4.13
CA ALA A 242 0.67 3.92 -4.28
C ALA A 242 0.17 3.63 -5.71
N ILE A 243 -1.06 3.11 -5.82
CA ILE A 243 -1.70 2.76 -7.09
C ILE A 243 -2.62 3.86 -7.56
N LEU A 244 -2.30 4.46 -8.72
CA LEU A 244 -3.09 5.54 -9.27
C LEU A 244 -3.78 5.12 -10.57
N PRO A 245 -5.11 4.87 -10.52
CA PRO A 245 -5.84 4.50 -11.76
C PRO A 245 -5.94 5.69 -12.69
N THR A 246 -5.79 5.48 -14.01
CA THR A 246 -5.88 6.56 -15.02
C THR A 246 -7.23 7.35 -14.94
N SER A 247 -8.28 6.68 -14.44
CA SER A 247 -9.64 7.18 -14.32
C SER A 247 -9.82 8.24 -13.22
N ILE A 248 -8.88 8.34 -12.24
CA ILE A 248 -8.92 9.33 -11.15
C ILE A 248 -8.41 10.69 -11.66
N PHE A 249 -7.66 10.69 -12.78
CA PHE A 249 -7.06 11.89 -13.34
C PHE A 249 -8.10 12.77 -14.05
N LEU A 250 -8.10 14.08 -13.73
CA LEU A 250 -8.93 15.10 -14.40
C LEU A 250 -8.23 15.46 -15.73
N THR A 251 -8.89 16.27 -16.56
CA THR A 251 -8.36 16.72 -17.84
C THR A 251 -8.22 18.25 -17.81
N ASN A 252 -7.04 18.78 -18.19
CA ASN A 252 -6.83 20.22 -18.19
C ASN A 252 -7.28 20.84 -19.50
N LYS A 253 -7.10 22.17 -19.67
CA LYS A 253 -7.45 22.94 -20.86
C LYS A 253 -6.88 22.33 -22.16
N LYS A 254 -5.61 21.87 -22.11
CA LYS A 254 -4.91 21.28 -23.25
C LYS A 254 -5.10 19.76 -23.44
N GLY A 255 -5.95 19.15 -22.61
CA GLY A 255 -6.27 17.72 -22.67
C GLY A 255 -5.34 16.77 -21.95
N PHE A 256 -4.43 17.31 -21.13
CA PHE A 256 -3.48 16.50 -20.39
C PHE A 256 -4.07 16.00 -19.06
N PRO A 257 -3.68 14.79 -18.59
CA PRO A 257 -4.20 14.32 -17.29
C PRO A 257 -3.57 15.09 -16.12
N VAL A 258 -4.41 15.55 -15.19
CA VAL A 258 -4.02 16.31 -13.99
C VAL A 258 -4.77 15.75 -12.77
N LEU A 259 -4.41 16.20 -11.56
CA LEU A 259 -5.09 15.74 -10.35
C LEU A 259 -5.76 16.89 -9.60
N SER A 260 -6.83 16.60 -8.85
CA SER A 260 -7.52 17.60 -8.03
C SER A 260 -6.55 18.06 -6.95
N LYS A 261 -6.63 19.33 -6.51
CA LYS A 261 -5.76 19.89 -5.45
C LYS A 261 -5.61 18.94 -4.24
N MET A 262 -6.68 18.23 -3.86
CA MET A 262 -6.69 17.28 -2.76
C MET A 262 -5.88 16.00 -3.04
N HIS A 263 -5.93 15.50 -4.28
CA HIS A 263 -5.17 14.32 -4.71
C HIS A 263 -3.71 14.71 -4.75
N GLN A 264 -3.42 15.96 -5.18
CA GLN A 264 -2.06 16.49 -5.21
C GLN A 264 -1.48 16.53 -3.79
N ARG A 265 -2.32 16.93 -2.80
CA ARG A 265 -1.96 16.96 -1.36
C ARG A 265 -1.53 15.55 -0.92
N LEU A 266 -2.32 14.52 -1.30
CA LEU A 266 -2.02 13.13 -1.00
C LEU A 266 -0.71 12.65 -1.67
N ILE A 267 -0.47 13.04 -2.96
CA ILE A 267 0.78 12.71 -3.68
C ILE A 267 2.00 13.29 -2.92
N PHE A 268 1.94 14.58 -2.51
CA PHE A 268 3.03 15.22 -1.77
C PHE A 268 3.41 14.47 -0.50
N ARG A 269 2.39 13.95 0.24
CA ARG A 269 2.63 13.16 1.44
C ARG A 269 3.31 11.85 1.01
N LEU A 270 2.80 11.19 -0.05
CA LEU A 270 3.38 9.93 -0.54
C LEU A 270 4.83 10.06 -1.04
N LEU A 271 5.16 11.19 -1.74
CA LEU A 271 6.53 11.47 -2.22
C LEU A 271 7.49 11.62 -1.05
N LYS A 272 7.04 12.18 0.09
CA LYS A 272 7.87 12.33 1.31
C LYS A 272 8.23 10.93 1.83
N LEU A 273 7.32 9.95 1.68
CA LEU A 273 7.55 8.55 2.06
C LEU A 273 8.35 7.79 1.02
N GLU A 274 8.68 8.42 -0.12
CA GLU A 274 9.44 7.79 -1.21
C GLU A 274 8.80 6.46 -1.70
N VAL A 275 7.46 6.45 -1.90
CA VAL A 275 6.74 5.28 -2.41
C VAL A 275 6.98 5.14 -3.91
N GLN A 276 6.77 3.93 -4.43
CA GLN A 276 6.84 3.73 -5.87
C GLN A 276 5.41 3.95 -6.38
N PHE A 277 5.27 4.71 -7.46
CA PHE A 277 3.94 4.96 -7.99
C PHE A 277 3.59 3.92 -9.03
N ILE A 278 2.32 3.46 -9.01
CA ILE A 278 1.85 2.47 -9.98
C ILE A 278 0.64 3.03 -10.74
N ILE A 279 0.75 3.11 -12.07
CA ILE A 279 -0.31 3.55 -12.93
C ILE A 279 -1.10 2.35 -13.45
N THR A 280 -2.41 2.30 -13.13
CA THR A 280 -3.32 1.21 -13.52
C THR A 280 -4.46 1.68 -14.45
N GLY A 281 -4.99 0.75 -15.25
CA GLY A 281 -6.06 1.04 -16.20
C GLY A 281 -5.58 1.48 -17.58
N THR A 282 -6.53 1.76 -18.50
CA THR A 282 -6.21 2.17 -19.88
C THR A 282 -6.03 3.68 -20.04
N ASN A 283 -5.45 4.11 -21.20
CA ASN A 283 -5.24 5.53 -21.50
C ASN A 283 -6.59 6.17 -21.76
N HIS A 284 -6.99 7.08 -20.86
CA HIS A 284 -8.25 7.80 -20.91
C HIS A 284 -8.01 9.23 -21.42
N HIS A 285 -6.75 9.51 -21.77
CA HIS A 285 -6.30 10.76 -22.33
C HIS A 285 -5.65 10.40 -23.68
N SER A 286 -6.46 9.63 -24.49
CA SER A 286 -6.22 9.02 -25.80
C SER A 286 -5.53 9.90 -26.83
N GLU A 287 -5.91 11.21 -26.90
CA GLU A 287 -5.33 12.19 -27.83
C GLU A 287 -3.85 12.46 -27.54
N LYS A 288 -3.43 12.24 -26.27
CA LYS A 288 -2.05 12.43 -25.80
C LYS A 288 -1.38 11.08 -25.50
N GLU A 289 -0.03 11.05 -25.52
CA GLU A 289 0.74 9.82 -25.24
C GLU A 289 0.63 9.35 -23.76
N PHE A 290 0.78 8.01 -23.51
CA PHE A 290 0.63 7.40 -22.18
C PHE A 290 1.54 7.93 -21.06
N CYS A 291 2.78 8.33 -21.41
CA CYS A 291 3.74 8.84 -20.43
C CYS A 291 3.31 10.16 -19.79
N SER A 292 2.24 10.82 -20.31
CA SER A 292 1.71 12.08 -19.77
C SER A 292 1.30 11.91 -18.29
N TYR A 293 0.72 10.73 -17.93
CA TYR A 293 0.38 10.40 -16.54
C TYR A 293 1.65 10.47 -15.67
N LEU A 294 2.76 9.91 -16.19
CA LEU A 294 4.09 9.90 -15.56
C LEU A 294 4.67 11.31 -15.50
N GLN A 295 4.52 12.08 -16.60
CA GLN A 295 5.00 13.45 -16.75
C GLN A 295 4.36 14.32 -15.68
N TYR A 296 3.07 14.09 -15.42
CA TYR A 296 2.36 14.84 -14.39
C TYR A 296 2.94 14.56 -13.02
N LEU A 297 3.29 13.29 -12.74
CA LEU A 297 3.89 12.92 -11.45
C LEU A 297 5.28 13.53 -11.26
N GLU A 298 6.07 13.62 -12.36
CA GLU A 298 7.40 14.24 -12.34
C GLU A 298 7.25 15.73 -12.07
N TYR A 299 6.23 16.37 -12.69
CA TYR A 299 5.89 17.80 -12.54
C TYR A 299 5.61 18.11 -11.07
N LEU A 300 4.69 17.36 -10.42
CA LEU A 300 4.38 17.50 -8.99
C LEU A 300 5.66 17.32 -8.14
N SER A 301 6.47 16.27 -8.44
CA SER A 301 7.74 15.94 -7.79
C SER A 301 8.76 17.12 -7.90
N GLN A 302 8.86 17.75 -9.09
CA GLN A 302 9.76 18.90 -9.28
C GLN A 302 9.18 20.16 -8.62
N ASN A 303 7.84 20.21 -8.44
CA ASN A 303 7.14 21.35 -7.86
C ASN A 303 6.71 21.17 -6.40
N ARG A 304 7.62 20.63 -5.59
CA ARG A 304 7.41 20.45 -4.16
C ARG A 304 8.43 21.38 -3.44
N PRO A 305 8.24 21.73 -2.14
CA PRO A 305 9.22 22.65 -1.50
C PRO A 305 10.63 22.05 -1.37
N PRO A 306 11.70 22.81 -1.73
CA PRO A 306 13.07 22.27 -1.62
C PRO A 306 13.48 21.95 -0.17
N PRO A 307 14.41 21.00 0.07
CA PRO A 307 14.77 20.68 1.47
C PRO A 307 15.57 21.80 2.15
N ASN A 308 15.15 22.18 3.37
CA ASN A 308 15.82 23.20 4.18
C ASN A 308 17.11 22.60 4.75
N ALA A 309 17.90 23.41 5.51
CA ALA A 309 19.16 22.95 6.11
C ALA A 309 18.99 21.67 6.94
N TYR A 310 17.94 21.63 7.81
CA TYR A 310 17.61 20.48 8.64
C TYR A 310 17.31 19.22 7.80
N GLU A 311 16.39 19.34 6.83
CA GLU A 311 15.95 18.27 5.91
C GLU A 311 17.11 17.72 5.06
N LEU A 312 18.04 18.58 4.62
CA LEU A 312 19.23 18.15 3.86
C LEU A 312 20.17 17.35 4.77
N PHE A 313 20.33 17.80 6.04
CA PHE A 313 21.15 17.10 7.03
C PHE A 313 20.53 15.72 7.37
N ALA A 314 19.22 15.70 7.69
CA ALA A 314 18.47 14.50 8.08
C ALA A 314 18.33 13.39 7.02
N LYS A 315 18.57 13.72 5.72
CA LYS A 315 18.47 12.81 4.58
C LYS A 315 19.28 11.54 4.82
N GLY A 316 18.60 10.40 4.78
CA GLY A 316 19.22 9.10 5.01
C GLY A 316 19.04 8.59 6.41
N TYR A 317 18.71 9.48 7.37
CA TYR A 317 18.48 9.13 8.78
C TYR A 317 17.02 8.84 9.15
N GLU A 318 16.08 9.04 8.22
CA GLU A 318 14.64 8.87 8.41
C GLU A 318 14.31 7.50 8.95
N ASP A 319 13.77 7.44 10.17
CA ASP A 319 13.41 6.15 10.79
C ASP A 319 14.54 5.14 11.03
N TYR A 320 15.80 5.62 10.97
CA TYR A 320 17.02 4.87 11.25
C TYR A 320 17.29 4.92 12.76
N LEU A 321 17.11 3.78 13.44
CA LEU A 321 17.32 3.74 14.90
C LEU A 321 18.78 3.77 15.31
N GLN A 322 19.12 4.66 16.26
CA GLN A 322 20.49 4.75 16.81
C GLN A 322 20.47 4.69 18.34
N SER A 323 21.60 4.29 18.92
CA SER A 323 21.80 4.29 20.35
C SER A 323 22.05 5.75 20.80
N PRO A 324 21.35 6.24 21.84
CA PRO A 324 21.67 7.60 22.32
C PRO A 324 23.13 7.62 22.79
N LEU A 325 23.85 8.71 22.42
CA LEU A 325 25.24 8.91 22.82
C LEU A 325 25.31 9.01 24.34
N GLN A 326 26.44 8.58 24.91
CA GLN A 326 26.68 8.64 26.36
C GLN A 326 28.04 9.29 26.55
N PRO A 327 28.16 10.64 26.42
CA PRO A 327 29.49 11.28 26.50
C PRO A 327 30.16 11.24 27.85
N LEU A 328 29.43 10.93 28.91
CA LEU A 328 29.98 10.81 30.24
C LEU A 328 30.67 9.44 30.33
N MET A 329 29.93 8.36 30.09
CA MET A 329 30.45 6.99 30.19
C MET A 329 31.48 6.67 29.11
N ASP A 330 31.25 7.16 27.89
CA ASP A 330 32.09 6.91 26.71
C ASP A 330 32.88 8.15 26.28
N ASN A 331 34.05 7.93 25.66
CA ASN A 331 34.78 9.06 25.11
C ASN A 331 34.38 9.18 23.64
N LEU A 332 33.77 10.29 23.31
CA LEU A 332 33.29 10.56 21.97
C LEU A 332 34.44 10.63 20.97
N GLU A 333 34.20 10.12 19.76
CA GLU A 333 35.21 10.09 18.71
C GLU A 333 35.32 11.44 18.06
N SER A 334 36.46 11.69 17.41
CA SER A 334 36.78 12.94 16.73
C SER A 334 35.65 13.37 15.80
N GLN A 335 35.17 12.48 14.88
CA GLN A 335 34.07 12.72 13.93
C GLN A 335 32.70 12.99 14.56
N THR A 336 32.44 12.47 15.80
CA THR A 336 31.21 12.75 16.55
C THR A 336 31.24 14.25 16.94
N TYR A 337 32.37 14.76 17.49
CA TYR A 337 32.54 16.17 17.86
C TYR A 337 32.42 17.03 16.60
N GLU A 338 33.01 16.58 15.47
CA GLU A 338 32.94 17.33 14.20
C GLU A 338 31.44 17.60 13.83
N VAL A 339 30.58 16.57 13.95
CA VAL A 339 29.12 16.68 13.73
C VAL A 339 28.51 17.77 14.62
N PHE A 340 28.78 17.76 15.96
CA PHE A 340 28.26 18.77 16.90
C PHE A 340 28.61 20.18 16.46
N GLU A 341 29.89 20.41 16.12
CA GLU A 341 30.49 21.69 15.71
C GLU A 341 29.89 22.27 14.44
N LYS A 342 29.42 21.41 13.55
CA LYS A 342 28.78 21.74 12.28
C LYS A 342 27.34 22.35 12.44
N ASP A 343 27.00 22.89 13.61
CA ASP A 343 25.70 23.51 13.89
C ASP A 343 25.88 24.96 14.32
N PRO A 344 25.91 25.92 13.38
CA PRO A 344 26.16 27.33 13.75
C PRO A 344 25.10 28.01 14.62
N ILE A 345 23.79 27.71 14.38
CA ILE A 345 22.63 28.24 15.12
C ILE A 345 22.84 28.05 16.63
N LYS A 346 23.17 26.81 17.03
CA LYS A 346 23.40 26.39 18.43
C LYS A 346 24.47 27.24 19.10
N TYR A 347 25.64 27.39 18.43
CA TYR A 347 26.70 28.16 19.03
C TYR A 347 26.46 29.65 19.05
N SER A 348 25.72 30.21 18.06
CA SER A 348 25.34 31.63 18.06
C SER A 348 24.31 31.90 19.17
N GLN A 349 23.50 30.88 19.56
CA GLN A 349 22.58 30.99 20.68
C GLN A 349 23.34 31.05 22.02
N TYR A 350 24.30 30.10 22.27
CA TYR A 350 25.19 30.14 23.46
C TYR A 350 25.99 31.44 23.52
N GLN A 351 26.53 31.90 22.37
CA GLN A 351 27.27 33.16 22.32
C GLN A 351 26.38 34.33 22.75
N GLN A 352 25.11 34.35 22.27
CA GLN A 352 24.13 35.39 22.63
C GLN A 352 23.80 35.35 24.14
N ALA A 353 23.63 34.15 24.71
CA ALA A 353 23.35 33.94 26.13
C ALA A 353 24.50 34.43 27.03
N ILE A 354 25.77 34.16 26.64
CA ILE A 354 26.98 34.59 27.38
C ILE A 354 27.13 36.13 27.31
N TYR A 355 26.93 36.70 26.10
CA TYR A 355 26.97 38.13 25.80
C TYR A 355 26.00 38.88 26.72
N LYS A 356 24.71 38.44 26.77
CA LYS A 356 23.66 39.01 27.62
C LYS A 356 24.01 38.93 29.11
N CYS A 357 24.48 37.76 29.55
CA CYS A 357 24.89 37.52 30.94
C CYS A 357 26.04 38.40 31.42
N LEU A 358 27.06 38.60 30.56
CA LEU A 358 28.21 39.44 30.87
C LEU A 358 27.77 40.90 31.01
N LEU A 359 26.82 41.36 30.16
CA LEU A 359 26.28 42.72 30.20
C LEU A 359 25.42 42.97 31.46
N ASP A 360 24.71 41.94 31.95
CA ASP A 360 23.92 42.06 33.19
C ASP A 360 24.80 41.97 34.45
N ARG A 361 25.99 41.34 34.34
CA ARG A 361 26.89 41.13 35.48
C ARG A 361 27.93 42.18 35.68
N VAL A 362 28.34 42.88 34.60
CA VAL A 362 29.40 43.89 34.65
C VAL A 362 28.91 45.23 34.08
N PRO A 363 28.69 46.27 34.92
CA PRO A 363 28.30 47.58 34.37
C PRO A 363 29.45 48.24 33.59
N GLU A 364 29.12 49.13 32.63
CA GLU A 364 30.06 49.85 31.75
C GLU A 364 31.28 50.43 32.48
N GLU A 365 31.05 51.08 33.64
CA GLU A 365 32.09 51.71 34.46
C GLU A 365 33.14 50.71 35.01
N GLU A 366 32.72 49.44 35.22
CA GLU A 366 33.54 48.33 35.73
C GLU A 366 34.23 47.48 34.64
N LYS A 367 33.97 47.75 33.33
CA LYS A 367 34.46 46.99 32.17
C LYS A 367 35.96 46.71 32.08
N ASP A 368 36.80 47.52 32.75
CA ASP A 368 38.24 47.34 32.73
C ASP A 368 38.76 46.73 34.02
N THR A 369 38.03 46.91 35.12
CA THR A 369 38.36 46.37 36.44
C THR A 369 37.86 44.92 36.62
N ASN A 370 36.57 44.68 36.32
CA ASN A 370 35.85 43.42 36.52
C ASN A 370 36.06 42.31 35.47
N VAL A 371 36.88 41.32 35.85
CA VAL A 371 37.18 40.12 35.06
C VAL A 371 36.24 39.00 35.53
N GLN A 372 35.39 38.50 34.63
CA GLN A 372 34.45 37.43 34.93
C GLN A 372 35.13 36.08 34.75
N VAL A 373 35.00 35.19 35.75
CA VAL A 373 35.55 33.83 35.68
C VAL A 373 34.51 32.93 35.01
N LEU A 374 34.80 32.55 33.75
CA LEU A 374 33.95 31.67 32.96
C LEU A 374 34.53 30.26 32.92
N MET A 375 33.69 29.28 33.11
CA MET A 375 34.11 27.90 33.08
C MET A 375 33.29 27.10 32.14
N VAL A 376 33.94 26.56 31.11
CA VAL A 376 33.26 25.70 30.14
C VAL A 376 33.42 24.28 30.68
N LEU A 377 32.31 23.65 31.08
CA LEU A 377 32.28 22.33 31.69
C LEU A 377 31.87 21.26 30.67
N GLY A 378 32.86 20.57 30.14
CA GLY A 378 32.71 19.59 29.06
C GLY A 378 32.93 20.35 27.77
N ALA A 379 34.13 20.91 27.61
CA ALA A 379 34.54 21.79 26.49
C ALA A 379 34.69 21.13 25.09
N GLY A 380 34.72 19.80 25.04
CA GLY A 380 34.87 19.04 23.80
C GLY A 380 36.13 19.45 23.05
N ARG A 381 36.00 19.87 21.78
CA ARG A 381 37.17 20.32 21.00
C ARG A 381 37.30 21.86 20.98
N GLY A 382 36.48 22.55 21.76
CA GLY A 382 36.53 23.99 21.93
C GLY A 382 35.48 24.93 21.34
N PRO A 383 34.29 24.50 20.81
CA PRO A 383 33.35 25.50 20.25
C PRO A 383 32.74 26.48 21.26
N LEU A 384 32.42 26.01 22.49
CA LEU A 384 31.92 26.84 23.59
C LEU A 384 32.98 27.80 24.11
N VAL A 385 34.28 27.43 23.99
CA VAL A 385 35.41 28.27 24.42
C VAL A 385 35.50 29.45 23.46
N ASN A 386 35.43 29.17 22.15
CA ASN A 386 35.45 30.17 21.09
C ASN A 386 34.18 31.07 21.14
N ALA A 387 32.99 30.47 21.42
CA ALA A 387 31.72 31.19 21.54
C ALA A 387 31.76 32.17 22.72
N SER A 388 32.44 31.77 23.83
CA SER A 388 32.65 32.61 25.03
C SER A 388 33.58 33.75 24.72
N LEU A 389 34.65 33.50 23.92
CA LEU A 389 35.64 34.53 23.56
C LEU A 389 35.03 35.54 22.60
N ARG A 390 34.19 35.07 21.62
CA ARG A 390 33.48 35.96 20.67
C ARG A 390 32.47 36.85 21.44
N ALA A 391 31.75 36.24 22.43
CA ALA A 391 30.77 36.88 23.32
C ALA A 391 31.39 38.00 24.16
N ALA A 392 32.60 37.77 24.71
CA ALA A 392 33.33 38.76 25.51
C ALA A 392 33.83 39.92 24.63
N LYS A 393 34.25 39.61 23.39
CA LYS A 393 34.70 40.64 22.43
C LYS A 393 33.54 41.56 22.02
N GLN A 394 32.36 40.97 21.73
CA GLN A 394 31.18 41.76 21.36
C GLN A 394 30.56 42.54 22.53
N ALA A 395 30.61 41.97 23.76
CA ALA A 395 30.11 42.66 24.96
C ALA A 395 31.12 43.70 25.47
N ASP A 396 32.41 43.58 25.06
CA ASP A 396 33.52 44.42 25.50
C ASP A 396 33.68 44.35 27.04
N ARG A 397 33.74 43.09 27.54
CA ARG A 397 33.92 42.73 28.94
C ARG A 397 35.10 41.75 29.07
N ARG A 398 35.82 41.83 30.21
CA ARG A 398 37.01 41.01 30.50
C ARG A 398 36.62 39.65 31.07
N ILE A 399 37.15 38.55 30.48
CA ILE A 399 36.89 37.17 30.93
C ILE A 399 38.15 36.37 31.19
N LYS A 400 38.06 35.41 32.14
CA LYS A 400 39.10 34.45 32.49
C LYS A 400 38.44 33.09 32.31
N LEU A 401 38.89 32.35 31.28
CA LEU A 401 38.31 31.07 30.89
C LEU A 401 39.00 29.82 31.39
N TYR A 402 38.19 28.87 31.85
CA TYR A 402 38.64 27.52 32.19
C TYR A 402 37.89 26.58 31.25
N ALA A 403 38.61 25.71 30.53
CA ALA A 403 38.01 24.74 29.61
C ALA A 403 38.15 23.34 30.22
N VAL A 404 37.09 22.81 30.83
CA VAL A 404 37.10 21.51 31.51
C VAL A 404 36.59 20.41 30.61
N GLU A 405 37.42 19.37 30.42
CA GLU A 405 37.08 18.25 29.56
C GLU A 405 37.64 16.98 30.15
N LYS A 406 36.80 15.92 30.27
CA LYS A 406 37.24 14.64 30.84
C LYS A 406 37.79 13.67 29.76
N ASN A 407 37.36 13.83 28.49
CA ASN A 407 37.81 13.00 27.38
C ASN A 407 39.24 13.42 27.03
N PRO A 408 40.29 12.62 27.35
CA PRO A 408 41.69 13.08 27.08
C PRO A 408 42.03 13.18 25.58
N ASN A 409 41.21 12.56 24.72
CA ASN A 409 41.44 12.61 23.28
C ASN A 409 41.06 13.99 22.75
N ALA A 410 39.93 14.57 23.26
CA ALA A 410 39.48 15.95 22.98
C ALA A 410 40.46 16.95 23.66
N VAL A 411 40.98 16.61 24.85
CA VAL A 411 41.99 17.44 25.56
C VAL A 411 43.23 17.73 24.69
N VAL A 412 43.63 16.79 23.82
CA VAL A 412 44.75 16.96 22.88
C VAL A 412 44.46 18.12 21.93
N THR A 413 43.19 18.20 21.42
CA THR A 413 42.70 19.24 20.48
C THR A 413 42.70 20.60 21.17
N LEU A 414 42.12 20.65 22.40
CA LEU A 414 42.06 21.86 23.24
C LEU A 414 43.43 22.37 23.57
N GLU A 415 44.36 21.44 23.94
CA GLU A 415 45.74 21.81 24.30
C GLU A 415 46.55 22.31 23.13
N ASN A 416 46.26 21.81 21.91
CA ASN A 416 46.92 22.30 20.70
C ASN A 416 46.37 23.70 20.35
N TRP A 417 45.06 23.96 20.59
CA TRP A 417 44.35 25.24 20.38
C TRP A 417 44.86 26.27 21.38
N GLN A 418 45.05 25.85 22.65
CA GLN A 418 45.56 26.71 23.71
C GLN A 418 46.97 27.18 23.43
N PHE A 419 47.86 26.30 22.97
CA PHE A 419 49.22 26.70 22.66
C PHE A 419 49.26 27.57 21.40
N GLU A 420 48.52 27.21 20.35
CA GLU A 420 48.55 27.92 19.08
C GLU A 420 47.72 29.19 18.99
N GLU A 421 46.51 29.20 19.59
CA GLU A 421 45.56 30.31 19.43
C GLU A 421 45.13 31.10 20.69
N TRP A 422 44.55 30.42 21.68
CA TRP A 422 44.00 31.02 22.89
C TRP A 422 44.96 31.68 23.85
N GLY A 423 46.04 30.98 24.19
CA GLY A 423 47.02 31.47 25.15
C GLY A 423 46.61 31.35 26.59
N SER A 424 47.28 32.15 27.46
CA SER A 424 47.11 32.22 28.92
C SER A 424 45.68 32.47 29.39
N GLN A 425 44.88 33.21 28.59
CA GLN A 425 43.47 33.50 28.86
C GLN A 425 42.66 32.21 29.13
N VAL A 426 42.99 31.12 28.41
CA VAL A 426 42.29 29.83 28.58
C VAL A 426 43.18 28.83 29.32
N THR A 427 42.64 28.27 30.41
CA THR A 427 43.30 27.22 31.18
C THR A 427 42.55 25.91 30.86
N VAL A 428 43.21 24.98 30.19
CA VAL A 428 42.63 23.68 29.86
C VAL A 428 42.80 22.75 31.07
N VAL A 429 41.72 22.13 31.52
CA VAL A 429 41.71 21.24 32.67
C VAL A 429 41.26 19.86 32.18
N SER A 430 42.13 18.85 32.32
CA SER A 430 41.81 17.48 31.89
C SER A 430 41.27 16.72 33.10
N SER A 431 39.95 16.77 33.29
CA SER A 431 39.34 16.24 34.49
C SER A 431 37.84 16.12 34.38
N ASP A 432 37.25 15.28 35.26
CA ASP A 432 35.82 15.15 35.44
C ASP A 432 35.42 16.35 36.32
N MET A 433 34.38 17.11 35.92
CA MET A 433 33.90 18.29 36.63
C MET A 433 33.41 18.00 38.07
N ARG A 434 33.13 16.73 38.37
CA ARG A 434 32.64 16.30 39.68
C ARG A 434 33.78 16.01 40.63
N GLU A 435 35.01 15.92 40.10
CA GLU A 435 36.25 15.61 40.84
C GLU A 435 37.20 16.79 40.92
N TRP A 436 37.13 17.68 39.93
CA TRP A 436 38.00 18.84 39.83
C TRP A 436 37.99 19.73 41.06
N VAL A 437 39.18 20.00 41.61
CA VAL A 437 39.39 20.91 42.73
C VAL A 437 39.72 22.21 42.00
N ALA A 438 38.72 23.09 41.86
CA ALA A 438 38.89 24.35 41.16
C ALA A 438 39.74 25.34 42.00
N PRO A 439 40.69 26.09 41.39
CA PRO A 439 41.51 27.02 42.21
C PRO A 439 40.75 28.27 42.71
N GLU A 440 39.62 28.59 42.06
CA GLU A 440 38.76 29.73 42.37
C GLU A 440 37.35 29.44 41.90
N LYS A 441 36.39 30.21 42.40
CA LYS A 441 34.98 30.08 42.08
C LYS A 441 34.63 30.75 40.74
N ALA A 442 33.56 30.27 40.08
CA ALA A 442 33.15 30.80 38.77
C ALA A 442 32.01 31.78 38.87
N ASP A 443 32.02 32.76 37.96
CA ASP A 443 30.95 33.71 37.77
C ASP A 443 29.86 33.09 36.92
N ILE A 444 30.27 32.37 35.86
CA ILE A 444 29.44 31.64 34.89
C ILE A 444 30.04 30.29 34.58
N ILE A 445 29.19 29.28 34.65
CA ILE A 445 29.51 27.92 34.18
C ILE A 445 28.68 27.72 32.91
N VAL A 446 29.35 27.32 31.81
CA VAL A 446 28.72 27.10 30.51
C VAL A 446 28.85 25.62 30.18
N SER A 447 27.75 24.95 29.80
CA SER A 447 27.83 23.52 29.43
C SER A 447 26.87 23.17 28.33
N GLU A 448 27.13 22.06 27.60
CA GLU A 448 26.25 21.45 26.59
C GLU A 448 26.24 19.94 26.87
N LEU A 449 25.67 19.57 28.01
CA LEU A 449 25.59 18.17 28.44
C LEU A 449 24.21 17.58 28.19
N LEU A 450 23.43 18.24 27.32
CA LEU A 450 22.06 17.82 27.03
C LEU A 450 21.90 16.79 25.92
N GLY A 451 21.05 15.81 26.17
CA GLY A 451 20.69 14.81 25.17
C GLY A 451 19.36 15.16 24.51
N SER A 452 18.87 14.25 23.66
CA SER A 452 17.59 14.42 22.97
C SER A 452 16.41 14.42 23.93
N PHE A 453 16.54 13.85 25.15
CA PHE A 453 15.50 13.86 26.17
C PHE A 453 15.94 14.79 27.32
N ALA A 454 16.73 15.84 26.97
CA ALA A 454 17.36 16.83 27.85
C ALA A 454 18.33 16.23 28.87
N ASP A 455 17.82 15.54 29.89
CA ASP A 455 18.63 15.00 30.99
C ASP A 455 19.21 13.60 30.80
N ASN A 456 18.99 12.98 29.63
CA ASN A 456 19.45 11.62 29.33
C ASN A 456 20.97 11.43 29.19
N GLU A 457 21.76 12.53 29.12
CA GLU A 457 23.22 12.45 29.08
C GLU A 457 23.81 12.69 30.47
N LEU A 458 22.94 12.91 31.50
CA LEU A 458 23.30 13.13 32.91
C LEU A 458 23.83 14.52 33.33
N SER A 459 23.41 15.58 32.57
CA SER A 459 23.67 17.00 32.88
C SER A 459 23.27 17.30 34.35
N PRO A 460 22.09 16.84 34.89
CA PRO A 460 21.79 17.13 36.31
C PRO A 460 22.89 16.70 37.30
N GLU A 461 23.33 15.42 37.22
CA GLU A 461 24.37 14.83 38.08
C GLU A 461 25.72 15.54 37.90
N CYS A 462 26.09 15.84 36.63
CA CYS A 462 27.36 16.52 36.35
C CYS A 462 27.35 17.92 36.96
N LEU A 463 26.35 18.75 36.60
CA LEU A 463 26.23 20.12 37.15
C LEU A 463 26.02 20.20 38.66
N ASP A 464 25.40 19.19 39.30
CA ASP A 464 25.26 19.16 40.77
C ASP A 464 26.64 18.99 41.40
N GLY A 465 27.49 18.18 40.76
CA GLY A 465 28.86 17.91 41.17
C GLY A 465 29.80 19.09 41.00
N ALA A 466 29.51 19.97 40.05
CA ALA A 466 30.28 21.18 39.75
C ALA A 466 29.81 22.42 40.53
N GLN A 467 28.59 22.38 41.07
CA GLN A 467 27.91 23.49 41.78
C GLN A 467 28.73 24.19 42.88
N HIS A 468 29.43 23.42 43.74
CA HIS A 468 30.25 23.96 44.82
C HIS A 468 31.33 24.96 44.32
N PHE A 469 31.75 24.87 43.03
CA PHE A 469 32.69 25.86 42.49
C PHE A 469 32.07 27.05 41.75
N LEU A 470 30.74 27.20 41.86
CA LEU A 470 30.03 28.34 41.30
C LEU A 470 29.83 29.32 42.47
N LYS A 471 30.07 30.62 42.24
CA LYS A 471 29.87 31.68 43.24
C LYS A 471 28.38 31.70 43.65
N ASP A 472 28.05 32.25 44.85
CA ASP A 472 26.68 32.34 45.39
C ASP A 472 25.71 33.05 44.44
N ASP A 473 26.22 34.03 43.66
CA ASP A 473 25.42 34.78 42.67
C ASP A 473 25.72 34.27 41.25
N GLY A 474 26.45 33.15 41.15
CA GLY A 474 26.86 32.54 39.89
C GLY A 474 25.70 32.15 39.00
N VAL A 475 25.95 32.17 37.67
CA VAL A 475 25.00 31.80 36.62
C VAL A 475 25.44 30.49 35.93
N SER A 476 24.48 29.61 35.63
CA SER A 476 24.68 28.40 34.86
C SER A 476 24.00 28.61 33.52
N ILE A 477 24.75 28.39 32.41
CA ILE A 477 24.22 28.42 31.04
C ILE A 477 24.35 27.00 30.48
N PRO A 478 23.27 26.19 30.31
CA PRO A 478 21.84 26.54 30.50
C PRO A 478 21.43 26.64 31.96
N GLY A 479 20.37 27.41 32.20
CA GLY A 479 19.81 27.62 33.53
C GLY A 479 18.66 26.67 33.84
N GLU A 480 18.02 26.18 32.78
CA GLU A 480 16.90 25.28 32.88
C GLU A 480 16.72 24.44 31.61
N TYR A 481 16.14 23.26 31.78
CA TYR A 481 15.73 22.39 30.68
C TYR A 481 14.58 21.51 31.08
N THR A 482 13.76 21.17 30.08
CA THR A 482 12.54 20.39 30.25
C THR A 482 12.46 19.38 29.10
N SER A 483 12.06 18.15 29.41
CA SER A 483 11.81 17.12 28.43
C SER A 483 10.29 17.06 28.12
N PHE A 484 9.94 16.58 26.93
CA PHE A 484 8.55 16.46 26.47
C PHE A 484 8.35 15.09 25.89
N LEU A 485 7.12 14.59 25.96
CA LEU A 485 6.75 13.29 25.41
C LEU A 485 5.50 13.45 24.59
N ALA A 486 5.33 12.60 23.59
CA ALA A 486 4.09 12.59 22.83
C ALA A 486 3.79 11.14 22.41
N PRO A 487 2.54 10.62 22.55
CA PRO A 487 2.26 9.26 22.05
C PRO A 487 2.39 9.24 20.55
N ILE A 488 2.88 8.14 19.98
CA ILE A 488 3.01 8.03 18.53
C ILE A 488 2.55 6.68 18.05
N SER A 489 2.09 6.66 16.82
CA SER A 489 1.73 5.45 16.13
C SER A 489 2.71 5.28 14.99
N SER A 490 3.26 4.09 14.82
CA SER A 490 4.13 3.75 13.70
C SER A 490 4.43 2.27 13.65
N SER A 491 3.70 1.53 12.80
CA SER A 491 3.94 0.10 12.62
C SER A 491 5.28 -0.10 11.97
N LYS A 492 5.77 0.89 11.18
CA LYS A 492 7.12 0.85 10.58
C LYS A 492 8.23 0.84 11.70
N LEU A 493 8.20 1.82 12.63
CA LEU A 493 9.17 1.88 13.72
C LEU A 493 9.00 0.71 14.69
N TYR A 494 7.75 0.27 14.95
CA TYR A 494 7.54 -0.91 15.83
C TYR A 494 8.32 -2.12 15.26
N ASN A 495 8.25 -2.34 13.94
CA ASN A 495 8.95 -3.46 13.28
C ASN A 495 10.46 -3.29 13.30
N GLU A 496 10.94 -2.04 13.11
CA GLU A 496 12.35 -1.65 13.22
C GLU A 496 12.90 -2.02 14.63
N VAL A 497 12.12 -1.77 15.71
CA VAL A 497 12.56 -2.14 17.07
C VAL A 497 12.57 -3.66 17.23
N ARG A 498 11.53 -4.35 16.70
CA ARG A 498 11.39 -5.81 16.69
C ARG A 498 12.61 -6.51 16.13
N ALA A 499 13.16 -5.97 15.03
CA ALA A 499 14.33 -6.49 14.32
C ALA A 499 15.65 -6.27 15.12
N CYS A 500 15.61 -5.57 16.25
CA CYS A 500 16.83 -5.34 17.04
C CYS A 500 17.06 -6.44 18.07
N ARG A 501 16.40 -7.61 17.92
CA ARG A 501 16.62 -8.75 18.82
C ARG A 501 18.02 -9.33 18.60
N GLU A 502 18.78 -9.41 19.69
CA GLU A 502 20.15 -9.89 19.68
C GLU A 502 20.23 -11.13 20.49
N LYS A 503 21.25 -11.94 20.21
CA LYS A 503 21.54 -13.14 20.99
C LYS A 503 22.25 -12.73 22.29
N ASP A 504 22.24 -13.64 23.26
CA ASP A 504 22.87 -13.50 24.58
C ASP A 504 22.28 -12.38 25.43
N ARG A 505 21.04 -12.01 25.14
CA ARG A 505 20.30 -11.03 25.94
C ARG A 505 18.85 -11.39 25.93
N ASP A 506 18.07 -10.79 26.85
CA ASP A 506 16.63 -10.96 26.96
C ASP A 506 16.01 -10.73 25.58
N PRO A 507 15.10 -11.63 25.13
CA PRO A 507 14.53 -11.49 23.78
C PRO A 507 13.66 -10.25 23.53
N GLU A 508 13.30 -9.52 24.60
CA GLU A 508 12.50 -8.32 24.50
C GLU A 508 13.25 -7.03 24.96
N ALA A 509 14.57 -7.10 25.27
CA ALA A 509 15.38 -5.95 25.73
C ALA A 509 15.36 -4.77 24.75
N GLN A 510 15.23 -5.02 23.42
CA GLN A 510 15.15 -3.96 22.40
C GLN A 510 13.94 -3.01 22.62
N PHE A 511 12.89 -3.48 23.26
CA PHE A 511 11.71 -2.62 23.53
C PHE A 511 11.82 -1.80 24.83
N GLU A 512 12.81 -2.12 25.68
CA GLU A 512 13.02 -1.50 26.97
C GLU A 512 14.21 -0.56 26.96
N MET A 513 14.42 0.10 25.81
CA MET A 513 15.51 1.06 25.69
C MET A 513 15.17 2.15 24.73
N PRO A 514 15.56 3.42 24.99
CA PRO A 514 15.25 4.50 24.04
C PRO A 514 16.18 4.47 22.82
N TYR A 515 15.75 5.07 21.71
CA TYR A 515 16.54 5.16 20.48
C TYR A 515 16.55 6.60 20.02
N VAL A 516 17.64 7.10 19.50
CA VAL A 516 17.63 8.44 18.89
C VAL A 516 17.22 8.15 17.45
N VAL A 517 16.19 8.83 16.97
CA VAL A 517 15.70 8.56 15.62
C VAL A 517 15.09 9.77 15.01
N ARG A 518 15.40 10.04 13.74
CA ARG A 518 14.73 11.10 12.99
C ARG A 518 13.39 10.46 12.53
N LEU A 519 12.35 10.51 13.41
CA LEU A 519 10.99 9.99 13.16
C LEU A 519 10.43 10.56 11.84
N HIS A 520 10.02 9.68 10.94
CA HIS A 520 9.55 10.12 9.62
C HIS A 520 8.14 9.56 9.30
N ASN A 521 8.01 8.24 9.25
CA ASN A 521 6.75 7.56 8.99
C ASN A 521 6.10 7.20 10.32
N PHE A 522 5.35 8.17 10.85
CA PHE A 522 4.66 8.04 12.14
C PHE A 522 3.50 9.03 12.19
N HIS A 523 2.66 8.88 13.20
CA HIS A 523 1.54 9.74 13.49
C HIS A 523 1.68 10.20 14.94
N GLN A 524 1.78 11.52 15.18
CA GLN A 524 1.80 12.04 16.54
C GLN A 524 0.34 12.06 17.04
N LEU A 525 0.05 11.30 18.09
CA LEU A 525 -1.33 11.11 18.57
C LEU A 525 -1.93 12.17 19.50
N SER A 526 -1.08 12.93 20.17
CA SER A 526 -1.50 14.00 21.07
C SER A 526 -0.32 14.99 21.15
N ALA A 527 -0.61 16.26 21.45
CA ALA A 527 0.39 17.33 21.57
C ALA A 527 1.47 17.02 22.63
N PRO A 528 2.77 17.34 22.40
CA PRO A 528 3.79 17.03 23.43
C PRO A 528 3.51 17.69 24.77
N GLN A 529 3.69 16.96 25.88
CA GLN A 529 3.49 17.51 27.21
C GLN A 529 4.79 17.45 28.03
N PRO A 530 5.04 18.44 28.90
CA PRO A 530 6.28 18.43 29.67
C PRO A 530 6.36 17.25 30.60
N CYS A 531 7.54 16.62 30.65
CA CYS A 531 7.79 15.44 31.46
C CYS A 531 8.64 15.84 32.68
N PHE A 532 9.97 16.02 32.52
CA PHE A 532 10.88 16.36 33.64
C PHE A 532 11.62 17.68 33.44
N THR A 533 11.80 18.45 34.53
CA THR A 533 12.46 19.76 34.53
C THR A 533 13.59 19.78 35.55
N PHE A 534 14.73 20.37 35.13
CA PHE A 534 15.89 20.57 36.02
C PHE A 534 16.31 22.00 35.90
N SER A 535 16.71 22.58 37.04
CA SER A 535 17.14 23.96 37.16
C SER A 535 18.52 23.99 37.73
N HIS A 536 19.38 24.89 37.25
CA HIS A 536 20.76 25.02 37.73
C HIS A 536 21.11 26.49 37.96
N PRO A 537 21.72 26.85 39.12
CA PRO A 537 22.12 25.99 40.27
C PRO A 537 20.88 25.41 40.98
N ASN A 538 21.04 24.21 41.57
CA ASN A 538 19.98 23.49 42.26
C ASN A 538 19.98 23.91 43.73
N ARG A 539 19.08 24.86 44.03
CA ARG A 539 18.91 25.56 45.32
C ARG A 539 18.54 24.67 46.52
N ASP A 540 17.51 23.77 46.36
CA ASP A 540 16.97 22.89 47.42
C ASP A 540 17.98 21.98 48.13
N PRO A 541 17.96 21.91 49.50
CA PRO A 541 18.91 21.02 50.21
C PRO A 541 18.57 19.55 49.98
N MET A 542 19.60 18.67 50.06
CA MET A 542 19.49 17.22 49.81
C MET A 542 18.78 17.00 48.46
N ILE A 543 19.48 17.40 47.37
CA ILE A 543 19.00 17.35 45.97
C ILE A 543 18.64 15.92 45.53
N ASP A 544 17.44 15.74 44.87
CA ASP A 544 17.03 14.45 44.31
C ASP A 544 16.69 14.58 42.82
N ASN A 545 17.54 13.96 41.96
CA ASN A 545 17.37 13.94 40.51
C ASN A 545 16.41 12.87 40.01
N ASN A 546 15.88 12.05 40.94
CA ASN A 546 14.88 11.03 40.61
C ASN A 546 13.55 11.69 40.43
N ARG A 547 12.73 11.10 39.61
CA ARG A 547 11.45 11.69 39.26
C ARG A 547 10.39 10.67 38.86
N TYR A 548 9.12 11.04 39.02
CA TYR A 548 7.92 10.26 38.71
C TYR A 548 6.87 11.25 38.18
N CYS A 549 6.45 11.03 36.94
CA CYS A 549 5.52 11.89 36.23
C CYS A 549 4.42 11.04 35.63
N THR A 550 3.16 11.50 35.72
CA THR A 550 1.99 10.88 35.08
C THR A 550 1.50 11.88 34.03
N LEU A 551 1.29 11.43 32.80
CA LEU A 551 0.79 12.30 31.73
C LEU A 551 -0.47 11.71 31.12
N GLU A 552 -1.49 12.56 30.91
CA GLU A 552 -2.75 12.18 30.30
C GLU A 552 -2.90 12.85 28.92
N PHE A 553 -2.86 12.02 27.87
CA PHE A 553 -2.90 12.43 26.47
C PHE A 553 -4.25 12.22 25.79
N PRO A 554 -5.02 13.33 25.54
CA PRO A 554 -6.30 13.18 24.82
C PRO A 554 -6.10 12.74 23.37
N VAL A 555 -6.84 11.70 22.94
CA VAL A 555 -6.71 11.17 21.57
C VAL A 555 -8.02 11.33 20.80
N GLU A 556 -7.98 12.05 19.64
CA GLU A 556 -9.10 12.39 18.78
C GLU A 556 -9.31 11.41 17.60
N VAL A 557 -8.44 10.40 17.46
CA VAL A 557 -8.50 9.43 16.34
C VAL A 557 -8.51 7.96 16.80
N ASN A 558 -8.88 7.06 15.89
CA ASN A 558 -8.73 5.62 16.10
C ASN A 558 -7.32 5.32 15.69
N THR A 559 -6.60 4.53 16.48
CA THR A 559 -5.19 4.28 16.19
C THR A 559 -4.60 3.12 16.97
N VAL A 560 -3.29 2.94 16.80
CA VAL A 560 -2.46 1.95 17.48
C VAL A 560 -1.21 2.65 18.07
N LEU A 561 -1.04 2.59 19.39
CA LEU A 561 0.08 3.16 20.09
C LEU A 561 1.25 2.22 20.05
N HIS A 562 2.41 2.72 19.56
CA HIS A 562 3.66 1.95 19.49
C HIS A 562 4.80 2.52 20.39
N GLY A 563 4.65 3.72 20.90
CA GLY A 563 5.69 4.32 21.72
C GLY A 563 5.50 5.80 21.93
N PHE A 564 6.52 6.45 22.53
CA PHE A 564 6.50 7.85 22.86
C PHE A 564 7.68 8.56 22.26
N ALA A 565 7.42 9.64 21.52
CA ALA A 565 8.48 10.49 20.96
C ALA A 565 8.91 11.40 22.09
N GLY A 566 10.21 11.56 22.26
CA GLY A 566 10.77 12.44 23.27
C GLY A 566 11.53 13.61 22.68
N TYR A 567 11.32 14.80 23.25
CA TYR A 567 11.96 16.05 22.84
C TYR A 567 12.41 16.82 24.07
N PHE A 568 12.97 18.00 23.87
CA PHE A 568 13.37 18.86 24.99
C PHE A 568 13.37 20.32 24.58
N GLU A 569 13.40 21.19 25.58
CA GLU A 569 13.55 22.64 25.49
C GLU A 569 14.54 23.02 26.55
N THR A 570 15.32 24.06 26.29
CA THR A 570 16.29 24.54 27.26
C THR A 570 16.32 26.03 27.27
N VAL A 571 16.47 26.61 28.46
CA VAL A 571 16.64 28.02 28.70
C VAL A 571 18.13 28.17 28.92
N LEU A 572 18.83 28.76 27.93
CA LEU A 572 20.25 29.03 28.04
C LEU A 572 20.41 30.19 29.01
N TYR A 573 19.75 31.32 28.70
CA TYR A 573 19.74 32.51 29.53
C TYR A 573 18.56 33.36 29.14
N GLN A 574 17.70 33.67 30.14
CA GLN A 574 16.49 34.50 29.98
C GLN A 574 15.56 34.06 28.84
N ASP A 575 15.55 34.81 27.72
CA ASP A 575 14.74 34.54 26.52
C ASP A 575 15.49 33.78 25.44
N ILE A 576 16.82 33.53 25.63
CA ILE A 576 17.67 32.80 24.68
C ILE A 576 17.45 31.32 24.98
N THR A 577 16.89 30.61 24.01
CA THR A 577 16.57 29.21 24.21
C THR A 577 16.98 28.36 23.00
N LEU A 578 16.94 27.04 23.20
CA LEU A 578 17.11 26.03 22.16
C LEU A 578 15.94 25.07 22.33
N SER A 579 15.40 24.58 21.21
CA SER A 579 14.31 23.63 21.29
C SER A 579 14.29 22.63 20.14
N ILE A 580 13.97 21.37 20.46
CA ILE A 580 13.70 20.33 19.46
C ILE A 580 12.21 19.89 19.49
N ARG A 581 11.38 20.51 20.38
CA ARG A 581 9.93 20.26 20.46
C ARG A 581 9.38 20.72 19.11
N PRO A 582 8.68 19.88 18.32
CA PRO A 582 8.32 20.30 16.95
C PRO A 582 7.67 21.67 16.83
N GLU A 583 6.75 22.02 17.74
CA GLU A 583 6.02 23.27 17.69
C GLU A 583 6.81 24.55 17.99
N THR A 584 7.98 24.42 18.64
CA THR A 584 8.87 25.53 19.00
C THR A 584 10.31 25.26 18.50
N HIS A 585 10.51 24.30 17.56
CA HIS A 585 11.83 23.91 17.05
C HIS A 585 12.70 25.09 16.61
N SER A 586 13.96 25.14 17.11
CA SER A 586 14.93 26.18 16.76
C SER A 586 15.21 26.01 15.27
N PRO A 587 14.89 27.03 14.44
CA PRO A 587 15.11 26.87 12.98
C PRO A 587 16.57 26.62 12.63
N GLY A 588 16.78 25.65 11.74
CA GLY A 588 18.10 25.26 11.24
C GLY A 588 19.02 24.48 12.15
N MET A 589 18.55 24.05 13.34
CA MET A 589 19.36 23.31 14.30
C MET A 589 19.17 21.80 14.22
N PHE A 590 20.22 21.08 13.86
CA PHE A 590 20.15 19.62 13.66
C PHE A 590 20.99 18.77 14.65
N SER A 591 21.52 19.38 15.74
CA SER A 591 22.32 18.68 16.74
C SER A 591 21.60 17.56 17.45
N TRP A 592 20.25 17.64 17.53
CA TRP A 592 19.48 16.59 18.19
C TRP A 592 18.27 16.13 17.37
N PHE A 593 18.11 14.82 17.21
CA PHE A 593 16.97 14.17 16.59
C PHE A 593 16.04 13.75 17.76
N PRO A 594 14.73 13.52 17.57
CA PRO A 594 13.91 13.03 18.70
C PRO A 594 14.37 11.66 19.24
N ILE A 595 13.96 11.33 20.47
CA ILE A 595 14.21 10.04 21.10
C ILE A 595 12.90 9.25 20.95
N LEU A 596 12.97 7.91 21.00
CA LEU A 596 11.81 7.05 20.92
C LEU A 596 11.83 6.05 22.08
N PHE A 597 10.78 6.07 22.87
CA PHE A 597 10.62 5.11 23.95
C PHE A 597 9.59 4.12 23.39
N PRO A 598 10.01 2.95 22.93
CA PRO A 598 9.03 1.98 22.41
C PRO A 598 8.24 1.33 23.55
N ILE A 599 7.18 0.58 23.21
CA ILE A 599 6.42 -0.31 24.11
C ILE A 599 6.42 -1.75 23.45
N LYS A 600 6.51 -2.81 24.26
CA LYS A 600 6.59 -4.22 23.83
C LYS A 600 5.43 -4.65 22.97
N GLN A 601 4.19 -4.33 23.43
CA GLN A 601 2.98 -4.68 22.71
C GLN A 601 2.23 -3.44 22.24
N PRO A 602 1.85 -3.38 20.94
CA PRO A 602 1.05 -2.24 20.45
C PRO A 602 -0.27 -2.13 21.22
N ILE A 603 -0.77 -0.93 21.44
CA ILE A 603 -2.00 -0.76 22.19
C ILE A 603 -3.06 -0.08 21.31
N THR A 604 -4.25 -0.70 21.19
CA THR A 604 -5.38 -0.12 20.44
C THR A 604 -5.96 1.08 21.16
N VAL A 605 -6.16 2.19 20.43
CA VAL A 605 -6.78 3.41 21.00
C VAL A 605 -7.94 3.85 20.08
N ARG A 606 -9.13 3.96 20.66
CA ARG A 606 -10.38 4.44 20.03
C ARG A 606 -10.43 5.96 20.17
N GLU A 607 -11.11 6.65 19.21
CA GLU A 607 -11.25 8.10 19.27
C GLU A 607 -11.95 8.52 20.57
N GLY A 608 -11.43 9.58 21.17
CA GLY A 608 -11.98 10.11 22.40
C GLY A 608 -11.37 9.53 23.65
N GLN A 609 -10.61 8.43 23.54
CA GLN A 609 -9.94 7.84 24.68
C GLN A 609 -8.69 8.64 25.08
N THR A 610 -8.28 8.50 26.32
CA THR A 610 -7.09 9.15 26.82
C THR A 610 -5.99 8.13 26.94
N ILE A 611 -4.77 8.47 26.48
CA ILE A 611 -3.56 7.66 26.69
C ILE A 611 -2.95 8.19 27.98
N CYS A 612 -2.78 7.32 28.97
CA CYS A 612 -2.12 7.69 30.21
C CYS A 612 -0.78 6.95 30.31
N VAL A 613 0.32 7.71 30.42
CA VAL A 613 1.67 7.19 30.52
C VAL A 613 2.34 7.67 31.80
N ARG A 614 3.20 6.81 32.35
CA ARG A 614 3.95 7.06 33.57
C ARG A 614 5.42 6.93 33.23
N PHE A 615 6.23 7.89 33.64
CA PHE A 615 7.65 7.82 33.41
C PHE A 615 8.37 8.03 34.71
N TRP A 616 9.41 7.20 34.97
CA TRP A 616 10.27 7.40 36.14
C TRP A 616 11.69 7.68 35.70
N ARG A 617 12.41 8.52 36.43
CA ARG A 617 13.84 8.74 36.20
C ARG A 617 14.44 8.14 37.47
N CYS A 618 15.18 7.03 37.35
CA CYS A 618 15.74 6.32 38.49
C CYS A 618 17.25 6.35 38.52
N SER A 619 17.81 6.02 39.68
CA SER A 619 19.24 5.98 39.83
C SER A 619 19.68 5.28 41.09
N ASN A 620 20.98 4.97 41.11
CA ASN A 620 21.78 4.49 42.22
C ASN A 620 23.09 5.28 42.07
N SER A 621 24.15 4.92 42.79
CA SER A 621 25.42 5.67 42.73
C SER A 621 26.23 5.40 41.46
N LYS A 622 25.85 4.38 40.70
CA LYS A 622 26.59 3.93 39.52
C LYS A 622 25.93 4.23 38.17
N LYS A 623 24.59 4.21 38.16
CA LYS A 623 23.76 4.30 36.95
C LYS A 623 22.49 5.14 37.14
N VAL A 624 22.01 5.69 36.03
CA VAL A 624 20.73 6.41 35.89
C VAL A 624 19.97 5.67 34.78
N TRP A 625 18.64 5.59 34.88
CA TRP A 625 17.81 4.96 33.84
C TRP A 625 16.38 5.48 33.92
N TYR A 626 15.59 5.20 32.91
CA TYR A 626 14.18 5.48 32.83
C TYR A 626 13.41 4.19 32.92
N GLU A 627 12.22 4.26 33.52
CA GLU A 627 11.25 3.17 33.53
C GLU A 627 9.95 3.80 33.05
N TRP A 628 9.14 3.08 32.31
CA TRP A 628 7.91 3.65 31.80
C TRP A 628 6.82 2.64 31.69
N ALA A 629 5.55 3.09 31.64
CA ALA A 629 4.37 2.21 31.53
C ALA A 629 3.18 3.02 31.08
N VAL A 630 2.27 2.36 30.35
CA VAL A 630 0.97 2.87 29.91
C VAL A 630 -0.05 2.31 30.89
N THR A 631 -0.95 3.16 31.43
CA THR A 631 -1.95 2.73 32.41
C THR A 631 -3.37 2.92 31.92
N ALA A 632 -3.53 3.53 30.73
CA ALA A 632 -4.84 3.79 30.10
C ALA A 632 -4.62 4.01 28.59
N PRO A 633 -5.48 3.52 27.68
CA PRO A 633 -6.76 2.81 27.90
C PRO A 633 -6.59 1.40 28.49
N VAL A 634 -5.41 0.80 28.34
CA VAL A 634 -5.02 -0.50 28.95
C VAL A 634 -3.62 -0.38 29.56
N CYS A 635 -3.28 -1.29 30.50
CA CYS A 635 -1.97 -1.34 31.09
C CYS A 635 -0.95 -2.05 30.22
N SER A 636 0.26 -1.55 30.26
CA SER A 636 1.38 -2.23 29.66
C SER A 636 2.16 -2.77 30.88
N ALA A 637 3.18 -3.56 30.63
CA ALA A 637 4.10 -3.96 31.70
C ALA A 637 4.96 -2.71 31.96
N ILE A 638 5.59 -2.63 33.14
CA ILE A 638 6.57 -1.58 33.40
C ILE A 638 7.85 -1.99 32.57
N HIS A 639 8.28 -1.08 31.69
CA HIS A 639 9.44 -1.24 30.84
C HIS A 639 10.67 -0.78 31.56
N ASN A 640 11.75 -1.57 31.37
CA ASN A 640 13.11 -1.40 31.89
C ASN A 640 13.15 -1.37 33.41
N PRO A 641 12.42 -2.24 34.13
CA PRO A 641 12.53 -2.19 35.60
C PRO A 641 13.97 -2.40 36.02
N THR A 642 14.46 -1.50 36.90
CA THR A 642 15.81 -1.58 37.51
C THR A 642 16.94 -1.40 36.50
N GLY A 643 16.64 -0.85 35.34
CA GLY A 643 17.63 -0.67 34.28
C GLY A 643 18.12 -1.99 33.72
N ARG A 644 17.29 -3.06 33.78
CA ARG A 644 17.69 -4.40 33.35
C ARG A 644 18.07 -4.49 31.87
N SER A 645 17.53 -3.60 31.01
CA SER A 645 17.84 -3.58 29.56
C SER A 645 18.64 -2.34 29.17
N TYR A 646 18.54 -1.27 29.94
CA TYR A 646 19.19 -0.02 29.58
C TYR A 646 19.54 0.80 30.78
N THR A 647 20.81 1.27 30.86
CA THR A 647 21.32 2.17 31.89
C THR A 647 22.22 3.22 31.28
N ILE A 648 22.32 4.37 31.98
CA ILE A 648 23.16 5.50 31.62
C ILE A 648 24.25 5.55 32.69
N GLY A 649 25.48 5.28 32.28
CA GLY A 649 26.64 5.21 33.14
C GLY A 649 27.02 6.53 33.79
N LEU A 650 27.18 6.52 35.12
CA LEU A 650 27.60 7.66 35.92
C LEU A 650 29.14 7.69 36.08
N PRO B 46 -7.41 -19.99 -45.70
CA PRO B 46 -7.95 -18.87 -46.49
C PRO B 46 -7.68 -17.51 -45.84
N ASN B 47 -6.40 -17.03 -45.92
CA ASN B 47 -5.90 -15.75 -45.35
C ASN B 47 -5.96 -15.72 -43.79
N ALA B 48 -6.32 -16.87 -43.20
CA ALA B 48 -6.51 -17.14 -41.77
C ALA B 48 -5.21 -17.59 -41.08
N PRO B 49 -5.07 -17.43 -39.73
CA PRO B 49 -3.85 -17.92 -39.06
C PRO B 49 -3.57 -19.41 -39.29
N ALA B 50 -2.27 -19.78 -39.40
CA ALA B 50 -1.82 -21.15 -39.64
C ALA B 50 -2.30 -22.18 -38.60
N CYS B 51 -2.62 -21.71 -37.37
CA CYS B 51 -3.05 -22.54 -36.26
C CYS B 51 -3.90 -21.74 -35.24
N MET B 52 -5.00 -22.35 -34.75
CA MET B 52 -5.82 -21.73 -33.73
C MET B 52 -5.39 -22.21 -32.36
N GLU B 53 -5.51 -21.29 -31.37
CA GLU B 53 -5.13 -21.45 -29.97
C GLU B 53 -5.91 -22.54 -29.31
N ARG B 54 -5.28 -23.29 -28.41
CA ARG B 54 -5.85 -24.43 -27.70
C ARG B 54 -7.18 -24.16 -26.93
N GLN B 55 -7.29 -23.02 -26.23
CA GLN B 55 -8.44 -22.70 -25.37
C GLN B 55 -9.66 -22.05 -26.06
N LEU B 56 -10.58 -22.91 -26.55
CA LEU B 56 -11.82 -22.47 -27.21
C LEU B 56 -12.73 -21.86 -26.16
N GLU B 57 -13.06 -20.58 -26.32
CA GLU B 57 -13.87 -19.85 -25.35
C GLU B 57 -15.33 -19.73 -25.75
N ALA B 58 -15.59 -19.55 -27.05
CA ALA B 58 -16.93 -19.31 -27.54
C ALA B 58 -17.30 -20.07 -28.82
N ALA B 59 -18.61 -20.34 -28.98
CA ALA B 59 -19.21 -21.03 -30.13
C ALA B 59 -20.63 -20.50 -30.28
N ARG B 60 -20.93 -19.91 -31.45
CA ARG B 60 -22.27 -19.38 -31.74
C ARG B 60 -22.67 -19.65 -33.17
N TYR B 61 -23.83 -20.30 -33.36
CA TYR B 61 -24.41 -20.56 -34.69
C TYR B 61 -25.15 -19.31 -35.12
N ARG B 62 -25.07 -19.01 -36.41
CA ARG B 62 -25.75 -17.90 -37.09
C ARG B 62 -27.00 -18.52 -37.71
N SER B 63 -28.08 -17.72 -37.84
CA SER B 63 -29.39 -18.13 -38.37
C SER B 63 -29.36 -19.06 -39.59
N ASP B 64 -28.32 -18.97 -40.47
CA ASP B 64 -28.15 -19.85 -41.63
C ASP B 64 -27.52 -21.20 -41.25
N GLY B 65 -26.75 -21.23 -40.17
CA GLY B 65 -26.08 -22.43 -39.69
C GLY B 65 -24.57 -22.38 -39.69
N ALA B 66 -23.98 -21.22 -40.00
CA ALA B 66 -22.53 -21.02 -39.97
C ALA B 66 -22.14 -20.90 -38.50
N LEU B 67 -20.98 -21.47 -38.13
CA LEU B 67 -20.48 -21.51 -36.76
C LEU B 67 -19.32 -20.55 -36.51
N LEU B 68 -19.50 -19.67 -35.52
CA LEU B 68 -18.51 -18.69 -35.08
C LEU B 68 -17.79 -19.23 -33.86
N LEU B 69 -16.45 -19.25 -33.93
CA LEU B 69 -15.55 -19.70 -32.86
C LEU B 69 -14.63 -18.59 -32.41
N GLY B 70 -14.41 -18.54 -31.10
CA GLY B 70 -13.50 -17.62 -30.43
C GLY B 70 -12.55 -18.43 -29.58
N ALA B 71 -11.24 -18.13 -29.68
CA ALA B 71 -10.18 -18.85 -28.97
C ALA B 71 -9.09 -17.94 -28.41
N SER B 72 -8.48 -18.36 -27.30
CA SER B 72 -7.35 -17.65 -26.72
C SER B 72 -6.30 -18.69 -26.40
N SER B 73 -5.03 -18.26 -26.36
CA SER B 73 -3.94 -19.07 -25.85
C SER B 73 -3.80 -18.55 -24.43
N LEU B 74 -4.15 -19.39 -23.48
CA LEU B 74 -4.09 -19.01 -22.07
C LEU B 74 -2.80 -19.51 -21.44
N SER B 75 -1.89 -20.03 -22.28
CA SER B 75 -0.58 -20.53 -21.86
C SER B 75 0.43 -20.38 -22.98
N GLY B 76 1.68 -20.71 -22.72
CA GLY B 76 2.74 -20.59 -23.72
C GLY B 76 3.24 -19.17 -23.84
N ARG B 77 4.12 -18.94 -24.82
CA ARG B 77 4.78 -17.67 -25.11
C ARG B 77 3.81 -16.51 -25.38
N CYS B 78 2.89 -16.70 -26.31
CA CYS B 78 1.98 -15.68 -26.77
C CYS B 78 0.58 -15.90 -26.23
N TRP B 79 0.04 -14.85 -25.59
CA TRP B 79 -1.31 -14.85 -25.01
C TRP B 79 -2.23 -13.95 -25.84
N ALA B 80 -2.51 -14.38 -27.07
CA ALA B 80 -3.38 -13.65 -27.98
C ALA B 80 -4.70 -14.41 -28.18
N GLY B 81 -5.41 -14.10 -29.26
CA GLY B 81 -6.69 -14.73 -29.55
C GLY B 81 -7.00 -14.76 -31.03
N SER B 82 -8.15 -15.38 -31.37
CA SER B 82 -8.61 -15.49 -32.73
C SER B 82 -10.11 -15.70 -32.88
N LEU B 83 -10.65 -15.21 -33.99
CA LEU B 83 -12.06 -15.30 -34.40
C LEU B 83 -12.11 -16.19 -35.63
N TRP B 84 -13.05 -17.16 -35.66
CA TRP B 84 -13.16 -18.13 -36.75
C TRP B 84 -14.59 -18.37 -37.19
N LEU B 85 -14.78 -18.55 -38.49
CA LEU B 85 -16.08 -18.86 -39.08
C LEU B 85 -16.03 -20.15 -39.91
N PHE B 86 -16.90 -21.10 -39.55
CA PHE B 86 -17.06 -22.37 -40.21
C PHE B 86 -18.48 -22.49 -40.80
N LYS B 87 -18.59 -22.41 -42.15
CA LYS B 87 -19.85 -22.60 -42.89
C LYS B 87 -20.16 -24.11 -42.92
N ASP B 88 -19.11 -24.92 -42.66
CA ASP B 88 -19.10 -26.38 -42.51
C ASP B 88 -18.72 -26.64 -41.02
N PRO B 89 -19.72 -26.64 -40.08
CA PRO B 89 -19.40 -26.85 -38.66
C PRO B 89 -18.73 -28.18 -38.29
N CYS B 90 -18.86 -29.22 -39.14
CA CYS B 90 -18.25 -30.53 -38.92
C CYS B 90 -16.74 -30.50 -39.09
N ALA B 91 -16.23 -29.53 -39.86
CA ALA B 91 -14.80 -29.32 -40.10
C ALA B 91 -14.11 -28.70 -38.87
N ALA B 92 -14.86 -27.94 -38.04
CA ALA B 92 -14.35 -27.26 -36.84
C ALA B 92 -13.73 -28.26 -35.84
N PRO B 93 -12.56 -27.94 -35.21
CA PRO B 93 -11.79 -26.69 -35.27
C PRO B 93 -10.61 -26.68 -36.28
N ASN B 94 -10.65 -27.53 -37.33
CA ASN B 94 -9.58 -27.61 -38.34
C ASN B 94 -9.46 -26.33 -39.19
N GLU B 95 -8.36 -25.59 -38.99
CA GLU B 95 -7.99 -24.32 -39.63
C GLU B 95 -7.97 -24.35 -41.16
N GLY B 96 -7.49 -25.45 -41.74
CA GLY B 96 -7.43 -25.62 -43.19
C GLY B 96 -8.78 -25.84 -43.85
N PHE B 97 -9.85 -25.87 -43.04
CA PHE B 97 -11.22 -26.09 -43.52
C PHE B 97 -12.23 -25.05 -42.99
N CYS B 98 -11.74 -23.85 -42.60
CA CYS B 98 -12.60 -22.74 -42.16
C CYS B 98 -13.00 -21.89 -43.39
N SER B 99 -14.06 -21.07 -43.24
CA SER B 99 -14.52 -20.15 -44.30
C SER B 99 -13.75 -18.83 -44.22
N ALA B 100 -13.31 -18.45 -43.02
CA ALA B 100 -12.53 -17.25 -42.69
C ALA B 100 -11.97 -17.39 -41.26
N GLY B 101 -10.85 -16.71 -40.99
CA GLY B 101 -10.18 -16.69 -39.70
C GLY B 101 -9.32 -15.47 -39.50
N VAL B 102 -9.26 -14.95 -38.27
CA VAL B 102 -8.46 -13.75 -37.99
C VAL B 102 -7.85 -13.81 -36.59
N GLN B 103 -6.64 -13.24 -36.43
CA GLN B 103 -5.93 -13.16 -35.15
C GLN B 103 -6.24 -11.81 -34.46
N THR B 104 -6.56 -11.85 -33.16
CA THR B 104 -6.80 -10.64 -32.35
C THR B 104 -5.51 -10.37 -31.53
N GLU B 105 -5.32 -9.10 -31.07
CA GLU B 105 -4.15 -8.66 -30.29
C GLU B 105 -4.02 -9.36 -28.92
N ALA B 106 -5.15 -9.60 -28.25
CA ALA B 106 -5.26 -10.23 -26.94
C ALA B 106 -6.30 -11.35 -26.96
N GLY B 107 -6.50 -12.00 -25.82
CA GLY B 107 -7.42 -13.11 -25.68
C GLY B 107 -8.88 -12.73 -25.81
N VAL B 108 -9.68 -13.67 -26.27
CA VAL B 108 -11.12 -13.53 -26.43
C VAL B 108 -11.72 -14.11 -25.15
N ALA B 109 -12.26 -13.22 -24.28
CA ALA B 109 -12.87 -13.63 -23.02
C ALA B 109 -14.33 -14.02 -23.23
N ASP B 110 -14.96 -13.49 -24.29
CA ASP B 110 -16.35 -13.70 -24.69
C ASP B 110 -16.56 -12.99 -26.02
N LEU B 111 -17.61 -13.37 -26.74
CA LEU B 111 -18.03 -12.77 -28.00
C LEU B 111 -19.54 -12.97 -28.21
N THR B 112 -20.09 -12.37 -29.27
CA THR B 112 -21.50 -12.46 -29.67
C THR B 112 -21.65 -12.03 -31.14
N TRP B 113 -22.72 -12.51 -31.80
CA TRP B 113 -23.04 -12.09 -33.15
C TRP B 113 -23.77 -10.75 -33.01
N VAL B 114 -23.58 -9.86 -33.98
CA VAL B 114 -24.27 -8.57 -34.06
C VAL B 114 -24.92 -8.70 -35.43
N GLY B 115 -26.13 -9.27 -35.42
CA GLY B 115 -26.87 -9.55 -36.63
C GLY B 115 -26.32 -10.79 -37.31
N GLU B 116 -26.01 -10.63 -38.60
CA GLU B 116 -25.50 -11.72 -39.44
C GLU B 116 -24.03 -11.55 -39.86
N ARG B 117 -23.50 -10.31 -39.81
CA ARG B 117 -22.12 -10.05 -40.25
C ARG B 117 -21.17 -9.52 -39.18
N GLY B 118 -21.71 -8.95 -38.09
CA GLY B 118 -20.92 -8.38 -37.02
C GLY B 118 -20.59 -9.36 -35.92
N ILE B 119 -19.41 -9.18 -35.30
CA ILE B 119 -18.90 -10.03 -34.21
C ILE B 119 -18.36 -9.13 -33.11
N LEU B 120 -19.11 -9.00 -32.00
CA LEU B 120 -18.68 -8.15 -30.90
C LEU B 120 -17.82 -8.97 -29.91
N VAL B 121 -16.68 -8.43 -29.51
CA VAL B 121 -15.71 -9.17 -28.70
C VAL B 121 -15.34 -8.52 -27.38
N ALA B 122 -15.31 -9.33 -26.29
CA ALA B 122 -14.89 -8.96 -24.95
C ALA B 122 -13.40 -9.31 -24.88
N SER B 123 -12.53 -8.31 -24.82
CA SER B 123 -11.07 -8.52 -24.83
C SER B 123 -10.39 -8.45 -23.48
N ASP B 124 -9.27 -9.21 -23.31
CA ASP B 124 -8.41 -9.21 -22.13
C ASP B 124 -7.74 -7.85 -21.99
N SER B 125 -7.57 -7.13 -23.12
CA SER B 125 -6.96 -5.81 -23.22
C SER B 125 -7.72 -4.63 -22.51
N GLY B 126 -9.01 -4.82 -22.28
CA GLY B 126 -9.90 -3.79 -21.74
C GLY B 126 -10.75 -3.20 -22.85
N ALA B 127 -10.50 -3.65 -24.11
CA ALA B 127 -11.23 -3.23 -25.30
C ALA B 127 -12.46 -4.05 -25.56
N VAL B 128 -13.42 -3.39 -26.21
CA VAL B 128 -14.62 -3.97 -26.75
C VAL B 128 -14.41 -3.76 -28.24
N GLU B 129 -14.36 -4.87 -28.98
CA GLU B 129 -14.10 -4.79 -30.41
C GLU B 129 -15.24 -5.24 -31.29
N LEU B 130 -15.37 -4.54 -32.41
CA LEU B 130 -16.34 -4.92 -33.41
C LEU B 130 -15.58 -5.30 -34.65
N TRP B 131 -15.92 -6.48 -35.14
CA TRP B 131 -15.37 -7.08 -36.34
C TRP B 131 -16.52 -7.37 -37.25
N GLU B 132 -16.24 -7.37 -38.54
CA GLU B 132 -17.27 -7.64 -39.53
C GLU B 132 -16.78 -8.51 -40.66
N LEU B 133 -17.59 -9.51 -41.04
CA LEU B 133 -17.32 -10.39 -42.19
C LEU B 133 -17.37 -9.50 -43.42
N ASP B 134 -16.37 -9.59 -44.31
CA ASP B 134 -16.35 -8.80 -45.55
C ASP B 134 -17.54 -9.18 -46.46
N GLU B 135 -17.78 -8.40 -47.54
CA GLU B 135 -18.88 -8.66 -48.48
C GLU B 135 -18.83 -10.08 -49.09
N ASN B 136 -17.64 -10.72 -49.03
CA ASN B 136 -17.39 -12.07 -49.54
C ASN B 136 -17.40 -13.15 -48.45
N GLU B 137 -17.48 -12.75 -47.15
CA GLU B 137 -17.49 -13.63 -45.98
C GLU B 137 -16.25 -14.56 -45.93
N THR B 138 -15.13 -14.07 -46.49
CA THR B 138 -13.84 -14.77 -46.57
C THR B 138 -12.77 -14.08 -45.72
N LEU B 139 -13.11 -12.91 -45.13
CA LEU B 139 -12.23 -12.11 -44.27
C LEU B 139 -13.02 -11.43 -43.14
N ILE B 140 -12.47 -11.48 -41.91
CA ILE B 140 -13.02 -10.84 -40.70
C ILE B 140 -12.19 -9.58 -40.48
N VAL B 141 -12.78 -8.42 -40.82
CA VAL B 141 -12.15 -7.10 -40.77
C VAL B 141 -12.57 -6.36 -39.51
N SER B 142 -11.59 -5.74 -38.81
CA SER B 142 -11.86 -4.95 -37.59
C SER B 142 -12.57 -3.64 -37.97
N LYS B 143 -13.70 -3.34 -37.30
CA LYS B 143 -14.47 -2.11 -37.49
C LYS B 143 -14.10 -1.08 -36.40
N PHE B 144 -14.08 -1.52 -35.11
CA PHE B 144 -13.68 -0.68 -33.98
C PHE B 144 -13.01 -1.44 -32.84
N CYS B 145 -12.06 -0.78 -32.19
CA CYS B 145 -11.37 -1.33 -31.04
C CYS B 145 -11.26 -0.17 -30.05
N LYS B 146 -12.18 -0.16 -29.09
CA LYS B 146 -12.26 0.90 -28.09
C LYS B 146 -11.90 0.43 -26.69
N TYR B 147 -10.85 1.03 -26.12
CA TYR B 147 -10.35 0.69 -24.80
C TYR B 147 -11.01 1.58 -23.78
N GLU B 148 -12.18 1.16 -23.28
CA GLU B 148 -12.93 1.96 -22.30
C GLU B 148 -12.89 1.40 -20.90
N HIS B 149 -12.68 0.08 -20.77
CA HIS B 149 -12.58 -0.64 -19.52
C HIS B 149 -11.12 -0.70 -19.04
N ASP B 150 -10.95 -0.65 -17.73
CA ASP B 150 -9.67 -0.63 -17.02
C ASP B 150 -9.10 -1.98 -16.66
N ASP B 151 -9.76 -3.06 -17.08
CA ASP B 151 -9.35 -4.43 -16.82
C ASP B 151 -10.04 -5.31 -17.87
N ILE B 152 -9.78 -6.64 -17.84
CA ILE B 152 -10.34 -7.64 -18.77
C ILE B 152 -11.85 -7.43 -18.95
N VAL B 153 -12.31 -7.39 -20.22
CA VAL B 153 -13.74 -7.31 -20.53
C VAL B 153 -14.16 -8.77 -20.48
N SER B 154 -14.97 -9.12 -19.49
CA SER B 154 -15.35 -10.49 -19.23
C SER B 154 -16.59 -10.97 -19.95
N THR B 155 -17.59 -10.09 -20.10
CA THR B 155 -18.89 -10.43 -20.66
C THR B 155 -19.42 -9.37 -21.60
N VAL B 156 -20.12 -9.82 -22.65
CA VAL B 156 -20.68 -8.93 -23.66
C VAL B 156 -22.08 -9.39 -24.16
N SER B 157 -23.01 -8.45 -24.37
CA SER B 157 -24.37 -8.78 -24.82
C SER B 157 -25.03 -7.70 -25.68
N VAL B 158 -25.58 -8.11 -26.83
CA VAL B 158 -26.27 -7.21 -27.76
C VAL B 158 -27.75 -7.07 -27.30
N LEU B 159 -28.19 -5.81 -27.14
CA LEU B 159 -29.55 -5.47 -26.77
C LEU B 159 -30.54 -5.79 -27.94
N SER B 160 -31.82 -6.01 -27.61
CA SER B 160 -32.89 -6.43 -28.55
C SER B 160 -32.95 -5.77 -29.93
N SER B 161 -32.75 -4.42 -30.01
CA SER B 161 -32.75 -3.65 -31.27
C SER B 161 -31.60 -4.06 -32.19
N GLY B 162 -30.50 -4.53 -31.60
CA GLY B 162 -29.30 -4.94 -32.31
C GLY B 162 -28.43 -3.76 -32.71
N THR B 163 -28.75 -2.57 -32.17
CA THR B 163 -28.08 -1.29 -32.46
C THR B 163 -27.10 -0.91 -31.36
N GLN B 164 -27.35 -1.41 -30.13
CA GLN B 164 -26.58 -1.13 -28.92
C GLN B 164 -26.16 -2.42 -28.22
N ALA B 165 -25.15 -2.32 -27.35
CA ALA B 165 -24.63 -3.46 -26.60
C ALA B 165 -24.27 -3.12 -25.16
N VAL B 166 -24.10 -4.15 -24.34
CA VAL B 166 -23.73 -3.99 -22.93
C VAL B 166 -22.50 -4.84 -22.59
N SER B 167 -21.49 -4.23 -21.94
CA SER B 167 -20.27 -4.96 -21.55
C SER B 167 -20.10 -4.97 -20.03
N GLY B 168 -19.44 -5.99 -19.51
CA GLY B 168 -19.14 -6.17 -18.10
C GLY B 168 -17.66 -6.46 -17.93
N SER B 169 -17.04 -5.99 -16.84
CA SER B 169 -15.60 -6.15 -16.69
C SER B 169 -15.11 -6.43 -15.27
N LYS B 170 -13.82 -6.86 -15.17
CA LYS B 170 -13.15 -7.07 -13.89
C LYS B 170 -12.92 -5.72 -13.20
N ASP B 171 -13.02 -4.60 -13.96
CA ASP B 171 -12.90 -3.23 -13.46
C ASP B 171 -14.16 -2.79 -12.67
N ILE B 172 -15.17 -3.70 -12.53
CA ILE B 172 -16.40 -3.53 -11.75
C ILE B 172 -17.55 -2.75 -12.48
N CYS B 173 -17.22 -2.16 -13.64
CA CYS B 173 -18.18 -1.37 -14.42
C CYS B 173 -18.94 -2.14 -15.49
N ILE B 174 -20.10 -1.60 -15.81
CA ILE B 174 -20.99 -2.05 -16.85
C ILE B 174 -21.15 -0.83 -17.76
N LYS B 175 -20.96 -1.01 -19.05
CA LYS B 175 -21.07 0.09 -20.02
C LYS B 175 -22.09 -0.24 -21.07
N VAL B 176 -22.79 0.80 -21.60
CA VAL B 176 -23.78 0.69 -22.68
C VAL B 176 -23.16 1.34 -23.93
N TRP B 177 -23.07 0.59 -25.03
CA TRP B 177 -22.42 1.04 -26.25
C TRP B 177 -23.36 1.35 -27.39
N ASP B 178 -23.05 2.39 -28.16
CA ASP B 178 -23.80 2.74 -29.36
C ASP B 178 -22.90 2.20 -30.47
N LEU B 179 -23.29 1.05 -31.06
CA LEU B 179 -22.52 0.31 -32.08
C LEU B 179 -22.21 1.05 -33.37
N ALA B 180 -23.12 1.92 -33.83
CA ALA B 180 -22.96 2.73 -35.04
C ALA B 180 -22.06 3.97 -34.80
N GLN B 181 -22.15 4.59 -33.61
CA GLN B 181 -21.34 5.77 -33.27
C GLN B 181 -20.00 5.38 -32.65
N GLN B 182 -19.86 4.08 -32.29
CA GLN B 182 -18.67 3.45 -31.69
C GLN B 182 -18.25 4.16 -30.40
N VAL B 183 -19.25 4.51 -29.56
CA VAL B 183 -19.05 5.22 -28.28
C VAL B 183 -19.78 4.58 -27.10
N VAL B 184 -19.32 4.89 -25.88
CA VAL B 184 -20.00 4.46 -24.65
C VAL B 184 -21.07 5.52 -24.33
N LEU B 185 -22.36 5.11 -24.28
CA LEU B 185 -23.47 5.99 -23.94
C LEU B 185 -23.53 6.26 -22.42
N SER B 186 -23.40 5.20 -21.61
CA SER B 186 -23.46 5.30 -20.16
C SER B 186 -22.54 4.27 -19.50
N SER B 187 -21.93 4.65 -18.37
CA SER B 187 -21.02 3.79 -17.59
C SER B 187 -21.55 3.66 -16.17
N TYR B 188 -21.71 2.42 -15.70
CA TYR B 188 -22.31 2.13 -14.40
C TYR B 188 -21.42 1.33 -13.45
N ARG B 189 -21.18 1.90 -12.27
CA ARG B 189 -20.47 1.26 -11.18
C ARG B 189 -21.52 0.90 -10.11
N ALA B 190 -22.35 -0.12 -10.41
CA ALA B 190 -23.39 -0.56 -9.47
C ALA B 190 -22.84 -1.61 -8.50
N HIS B 191 -21.95 -2.47 -9.04
CA HIS B 191 -21.32 -3.56 -8.33
C HIS B 191 -20.14 -3.16 -7.43
N ALA B 192 -19.71 -4.09 -6.56
CA ALA B 192 -18.59 -3.90 -5.61
C ALA B 192 -17.45 -4.90 -5.87
N ALA B 193 -17.57 -5.68 -6.96
CA ALA B 193 -16.60 -6.69 -7.39
C ALA B 193 -16.78 -6.96 -8.88
N GLN B 194 -15.96 -7.86 -9.44
CA GLN B 194 -15.93 -8.26 -10.85
C GLN B 194 -17.30 -8.58 -11.38
N VAL B 195 -17.62 -8.08 -12.60
CA VAL B 195 -18.91 -8.36 -13.26
C VAL B 195 -18.71 -9.71 -13.98
N THR B 196 -19.42 -10.75 -13.51
CA THR B 196 -19.31 -12.12 -14.02
C THR B 196 -20.07 -12.31 -15.32
N CYS B 197 -21.31 -11.83 -15.36
CA CYS B 197 -22.15 -12.01 -16.53
C CYS B 197 -23.14 -10.84 -16.71
N VAL B 198 -23.42 -10.49 -17.99
CA VAL B 198 -24.41 -9.51 -18.47
C VAL B 198 -25.23 -10.18 -19.58
N ALA B 199 -26.58 -10.08 -19.51
CA ALA B 199 -27.46 -10.70 -20.49
C ALA B 199 -28.61 -9.74 -20.83
N ALA B 200 -28.58 -9.20 -22.06
CA ALA B 200 -29.59 -8.29 -22.62
C ALA B 200 -30.91 -9.02 -22.70
N SER B 201 -32.02 -8.31 -22.44
CA SER B 201 -33.37 -8.86 -22.54
C SER B 201 -33.59 -9.30 -23.98
N PRO B 202 -34.26 -10.44 -24.25
CA PRO B 202 -34.48 -10.84 -25.66
C PRO B 202 -35.30 -9.82 -26.43
N HIS B 203 -36.31 -9.21 -25.77
CA HIS B 203 -37.28 -8.29 -26.37
C HIS B 203 -37.35 -6.82 -25.91
N LYS B 204 -36.66 -6.42 -24.80
CA LYS B 204 -36.71 -5.05 -24.27
C LYS B 204 -35.35 -4.36 -24.34
N ASP B 205 -35.23 -3.29 -25.15
CA ASP B 205 -33.94 -2.61 -25.37
C ASP B 205 -33.36 -1.78 -24.23
N SER B 206 -34.10 -1.63 -23.13
CA SER B 206 -33.65 -0.88 -21.96
C SER B 206 -33.36 -1.85 -20.81
N VAL B 207 -33.68 -3.14 -21.00
CA VAL B 207 -33.59 -4.18 -19.97
C VAL B 207 -32.47 -5.17 -20.17
N PHE B 208 -31.74 -5.43 -19.07
CA PHE B 208 -30.68 -6.40 -19.01
C PHE B 208 -30.41 -6.88 -17.59
N LEU B 209 -29.71 -8.00 -17.46
CA LEU B 209 -29.32 -8.54 -16.19
C LEU B 209 -27.81 -8.49 -16.06
N SER B 210 -27.33 -8.45 -14.82
CA SER B 210 -25.94 -8.54 -14.46
C SER B 210 -25.80 -9.33 -13.17
N CYS B 211 -24.67 -9.99 -12.99
CA CYS B 211 -24.36 -10.73 -11.78
C CYS B 211 -22.88 -10.54 -11.52
N SER B 212 -22.48 -10.70 -10.26
CA SER B 212 -21.14 -10.34 -9.88
C SER B 212 -20.64 -11.08 -8.65
N GLU B 213 -19.33 -10.98 -8.42
CA GLU B 213 -18.68 -11.55 -7.25
C GLU B 213 -19.03 -10.84 -5.94
N ASP B 214 -19.82 -9.76 -6.01
CA ASP B 214 -20.32 -9.03 -4.83
C ASP B 214 -21.65 -9.68 -4.36
N ASN B 215 -22.03 -10.81 -4.98
CA ASN B 215 -23.20 -11.63 -4.69
C ASN B 215 -24.52 -10.97 -5.12
N ARG B 216 -24.45 -9.98 -6.03
CA ARG B 216 -25.64 -9.31 -6.49
C ARG B 216 -26.00 -9.77 -7.87
N ILE B 217 -27.32 -9.93 -8.09
CA ILE B 217 -27.94 -10.15 -9.37
C ILE B 217 -28.72 -8.86 -9.54
N LEU B 218 -28.45 -8.11 -10.60
CA LEU B 218 -29.17 -6.86 -10.85
C LEU B 218 -29.96 -6.88 -12.14
N LEU B 219 -31.24 -6.50 -12.03
CA LEU B 219 -32.16 -6.31 -13.13
C LEU B 219 -32.10 -4.83 -13.48
N TRP B 220 -31.80 -4.52 -14.73
CA TRP B 220 -31.71 -3.13 -15.16
C TRP B 220 -32.82 -2.74 -16.09
N ASP B 221 -33.24 -1.48 -15.98
CA ASP B 221 -34.18 -0.81 -16.84
C ASP B 221 -33.63 0.61 -16.91
N THR B 222 -32.98 0.95 -18.03
CA THR B 222 -32.35 2.25 -18.27
C THR B 222 -33.31 3.45 -18.31
N ARG B 223 -34.62 3.18 -18.35
CA ARG B 223 -35.64 4.24 -18.33
C ARG B 223 -35.82 4.81 -16.89
N CYS B 224 -35.30 4.09 -15.89
CA CYS B 224 -35.34 4.46 -14.48
C CYS B 224 -34.22 5.40 -14.04
N PRO B 225 -34.54 6.41 -13.18
CA PRO B 225 -33.49 7.30 -12.63
C PRO B 225 -32.44 6.50 -11.87
N LYS B 226 -32.86 5.45 -11.13
CA LYS B 226 -31.96 4.49 -10.48
C LYS B 226 -32.17 3.20 -11.29
N PRO B 227 -31.35 2.98 -12.35
CA PRO B 227 -31.61 1.88 -13.30
C PRO B 227 -31.58 0.44 -12.79
N ALA B 228 -30.75 0.17 -11.78
CA ALA B 228 -30.58 -1.18 -11.25
C ALA B 228 -31.55 -1.50 -10.13
N SER B 229 -31.92 -2.78 -10.04
CA SER B 229 -32.77 -3.31 -8.99
C SER B 229 -32.20 -4.68 -8.61
N GLN B 230 -31.96 -4.90 -7.32
CA GLN B 230 -31.41 -6.13 -6.78
C GLN B 230 -32.47 -7.23 -6.62
N ILE B 231 -32.20 -8.42 -7.20
CA ILE B 231 -33.08 -9.60 -7.14
C ILE B 231 -32.55 -10.52 -6.04
N GLY B 232 -33.34 -10.67 -4.96
CA GLY B 232 -32.97 -11.47 -3.80
C GLY B 232 -32.24 -10.67 -2.74
N GLY B 237 -26.22 -16.26 -0.29
CA GLY B 237 -25.91 -17.57 -0.84
C GLY B 237 -24.58 -17.66 -1.56
N TYR B 238 -24.45 -18.64 -2.49
CA TYR B 238 -23.26 -18.86 -3.31
C TYR B 238 -23.27 -17.94 -4.52
N LEU B 239 -22.11 -17.43 -4.90
CA LEU B 239 -21.98 -16.44 -5.98
C LEU B 239 -22.63 -16.79 -7.34
N PRO B 240 -23.34 -15.81 -7.95
CA PRO B 240 -23.93 -16.07 -9.29
C PRO B 240 -22.90 -15.99 -10.42
N THR B 241 -22.86 -17.03 -11.29
CA THR B 241 -21.85 -17.12 -12.37
C THR B 241 -22.38 -17.06 -13.81
N SER B 242 -23.66 -17.39 -14.03
CA SER B 242 -24.23 -17.38 -15.38
C SER B 242 -25.67 -16.91 -15.40
N LEU B 243 -26.11 -16.34 -16.55
CA LEU B 243 -27.47 -15.82 -16.71
C LEU B 243 -28.05 -16.14 -18.08
N ALA B 244 -29.35 -16.49 -18.12
CA ALA B 244 -30.06 -16.67 -19.37
C ALA B 244 -31.52 -16.34 -19.21
N TRP B 245 -32.00 -15.38 -20.00
CA TRP B 245 -33.41 -15.00 -20.05
C TRP B 245 -34.15 -16.14 -20.71
N HIS B 246 -35.38 -16.40 -20.27
CA HIS B 246 -36.21 -17.41 -20.91
C HIS B 246 -36.65 -16.84 -22.29
N PRO B 247 -36.56 -17.61 -23.41
CA PRO B 247 -36.94 -17.05 -24.72
C PRO B 247 -38.42 -16.70 -24.90
N GLN B 248 -39.32 -17.36 -24.16
CA GLN B 248 -40.75 -17.13 -24.27
C GLN B 248 -41.35 -16.32 -23.10
N GLN B 249 -40.91 -16.57 -21.87
CA GLN B 249 -41.41 -15.88 -20.67
C GLN B 249 -40.54 -14.66 -20.31
N SER B 250 -41.03 -13.49 -20.75
CA SER B 250 -40.49 -12.12 -20.66
C SER B 250 -39.93 -11.71 -19.28
N GLU B 251 -40.52 -12.26 -18.20
CA GLU B 251 -40.16 -11.95 -16.80
C GLU B 251 -39.38 -13.09 -16.13
N VAL B 252 -39.02 -14.14 -16.89
CA VAL B 252 -38.32 -15.30 -16.36
C VAL B 252 -36.88 -15.42 -16.85
N PHE B 253 -35.99 -15.78 -15.93
CA PHE B 253 -34.59 -16.01 -16.24
C PHE B 253 -34.08 -17.14 -15.40
N VAL B 254 -32.95 -17.71 -15.82
CA VAL B 254 -32.24 -18.73 -15.09
C VAL B 254 -30.87 -18.21 -14.70
N PHE B 255 -30.36 -18.67 -13.57
CA PHE B 255 -29.01 -18.32 -13.13
C PHE B 255 -28.29 -19.51 -12.57
N GLY B 256 -26.99 -19.57 -12.85
CA GLY B 256 -26.11 -20.63 -12.38
C GLY B 256 -25.23 -20.10 -11.28
N ASP B 257 -24.82 -20.99 -10.37
CA ASP B 257 -23.97 -20.55 -9.29
C ASP B 257 -22.62 -21.25 -9.24
N GLU B 258 -21.70 -20.71 -8.43
CA GLU B 258 -20.33 -21.22 -8.25
C GLU B 258 -20.27 -22.61 -7.60
N ASN B 259 -21.40 -23.11 -7.07
CA ASN B 259 -21.47 -24.39 -6.39
C ASN B 259 -22.15 -25.51 -7.24
N GLY B 260 -22.47 -25.19 -8.50
CA GLY B 260 -23.08 -26.13 -9.43
C GLY B 260 -24.58 -26.14 -9.49
N THR B 261 -25.22 -25.21 -8.79
CA THR B 261 -26.67 -25.08 -8.77
C THR B 261 -27.24 -24.20 -9.90
N VAL B 262 -28.37 -24.64 -10.46
CA VAL B 262 -29.12 -23.93 -11.49
C VAL B 262 -30.46 -23.51 -10.87
N SER B 263 -30.80 -22.21 -10.97
CA SER B 263 -32.05 -21.67 -10.41
C SER B 263 -32.98 -20.99 -11.43
N LEU B 264 -34.30 -21.17 -11.25
CA LEU B 264 -35.34 -20.61 -12.09
C LEU B 264 -35.97 -19.44 -11.33
N VAL B 265 -35.93 -18.24 -11.90
CA VAL B 265 -36.45 -17.06 -11.20
C VAL B 265 -37.46 -16.25 -12.02
N ASP B 266 -38.61 -15.93 -11.39
CA ASP B 266 -39.68 -15.09 -11.93
C ASP B 266 -39.54 -13.69 -11.29
N THR B 267 -39.65 -12.63 -12.11
CA THR B 267 -39.56 -11.23 -11.66
C THR B 267 -40.82 -10.84 -10.86
N LYS B 268 -42.02 -11.10 -11.44
CA LYS B 268 -43.35 -10.79 -10.91
C LYS B 268 -43.62 -11.45 -9.54
N SER B 269 -43.02 -12.64 -9.29
CA SER B 269 -43.15 -13.40 -8.04
C SER B 269 -42.09 -12.96 -7.02
N VAL B 273 -38.63 -20.09 -5.35
CA VAL B 273 -37.94 -20.29 -6.64
C VAL B 273 -37.54 -21.77 -6.84
N LEU B 274 -37.57 -22.24 -8.11
CA LEU B 274 -37.18 -23.62 -8.46
C LEU B 274 -35.65 -23.76 -8.61
N SER B 275 -35.04 -24.77 -7.96
CA SER B 275 -33.59 -24.97 -8.02
C SER B 275 -33.15 -26.44 -8.00
N SER B 276 -32.02 -26.74 -8.66
CA SER B 276 -31.43 -28.09 -8.73
C SER B 276 -29.90 -28.07 -8.71
N ALA B 277 -29.29 -29.04 -8.01
CA ALA B 277 -27.83 -29.18 -7.96
C ALA B 277 -27.45 -29.98 -9.20
N VAL B 278 -27.28 -29.27 -10.33
CA VAL B 278 -26.99 -29.83 -11.65
C VAL B 278 -25.54 -30.27 -11.81
N HIS B 279 -24.61 -29.42 -11.36
CA HIS B 279 -23.16 -29.65 -11.45
C HIS B 279 -22.47 -29.72 -10.07
N SER B 280 -21.23 -30.25 -10.06
CA SER B 280 -20.41 -30.41 -8.86
C SER B 280 -19.51 -29.18 -8.66
N GLN B 281 -19.30 -28.43 -9.76
CA GLN B 281 -18.50 -27.21 -9.77
C GLN B 281 -19.26 -26.08 -10.49
N CYS B 282 -18.65 -24.89 -10.53
CA CYS B 282 -19.15 -23.65 -11.14
C CYS B 282 -19.94 -23.82 -12.46
N VAL B 283 -21.10 -23.14 -12.57
CA VAL B 283 -21.93 -23.16 -13.77
C VAL B 283 -21.47 -22.00 -14.64
N THR B 284 -20.73 -22.34 -15.71
CA THR B 284 -20.12 -21.42 -16.68
C THR B 284 -21.14 -20.81 -17.66
N GLY B 285 -22.11 -21.60 -18.07
CA GLY B 285 -23.09 -21.10 -19.03
C GLY B 285 -24.41 -21.80 -19.02
N LEU B 286 -25.43 -21.09 -19.54
CA LEU B 286 -26.81 -21.54 -19.64
C LEU B 286 -27.35 -21.04 -20.99
N VAL B 287 -27.78 -21.98 -21.85
CA VAL B 287 -28.27 -21.67 -23.19
C VAL B 287 -29.54 -22.44 -23.44
N PHE B 288 -30.65 -21.72 -23.68
CA PHE B 288 -31.93 -22.33 -23.99
C PHE B 288 -31.94 -22.73 -25.46
N SER B 289 -32.62 -23.84 -25.76
CA SER B 289 -32.77 -24.40 -27.11
C SER B 289 -33.69 -23.54 -27.99
N PRO B 290 -33.70 -23.71 -29.33
CA PRO B 290 -34.60 -22.88 -30.15
C PRO B 290 -36.02 -23.45 -30.31
N HIS B 291 -36.37 -24.53 -29.56
CA HIS B 291 -37.68 -25.21 -29.60
C HIS B 291 -38.78 -24.32 -29.01
N SER B 292 -40.07 -24.55 -29.42
CA SER B 292 -41.26 -23.82 -28.94
C SER B 292 -41.31 -23.89 -27.40
N VAL B 293 -41.12 -25.11 -26.84
CA VAL B 293 -40.98 -25.35 -25.41
C VAL B 293 -39.45 -25.60 -25.22
N PRO B 294 -38.68 -24.58 -24.76
CA PRO B 294 -37.22 -24.74 -24.68
C PRO B 294 -36.67 -25.75 -23.69
N PHE B 295 -35.53 -26.35 -24.07
CA PHE B 295 -34.66 -27.22 -23.27
C PHE B 295 -33.53 -26.31 -22.80
N LEU B 296 -32.97 -26.58 -21.61
CA LEU B 296 -31.91 -25.74 -21.08
C LEU B 296 -30.57 -26.48 -20.91
N ALA B 297 -29.55 -26.05 -21.68
CA ALA B 297 -28.19 -26.59 -21.60
C ALA B 297 -27.39 -25.85 -20.54
N SER B 298 -26.69 -26.60 -19.71
CA SER B 298 -25.82 -26.05 -18.68
C SER B 298 -24.44 -26.65 -18.84
N LEU B 299 -23.41 -25.80 -18.69
CA LEU B 299 -22.02 -26.20 -18.83
C LEU B 299 -21.24 -25.77 -17.62
N SER B 300 -20.26 -26.58 -17.23
CA SER B 300 -19.54 -26.36 -16.01
C SER B 300 -18.04 -26.60 -16.12
N GLU B 301 -17.35 -26.22 -15.04
CA GLU B 301 -15.94 -26.42 -14.84
C GLU B 301 -15.71 -27.85 -14.36
N ASP B 302 -16.81 -28.59 -14.07
CA ASP B 302 -16.75 -30.02 -13.75
C ASP B 302 -16.54 -30.86 -15.04
N CYS B 303 -16.44 -30.16 -16.22
CA CYS B 303 -16.17 -30.68 -17.57
C CYS B 303 -17.33 -31.40 -18.21
N SER B 304 -18.53 -31.27 -17.61
CA SER B 304 -19.73 -31.91 -18.15
C SER B 304 -20.71 -30.90 -18.74
N LEU B 305 -21.70 -31.46 -19.47
CA LEU B 305 -22.81 -30.77 -20.11
C LEU B 305 -24.06 -31.49 -19.64
N ALA B 306 -25.08 -30.72 -19.25
CA ALA B 306 -26.39 -31.25 -18.88
C ALA B 306 -27.42 -30.50 -19.69
N VAL B 307 -28.45 -31.23 -20.20
CA VAL B 307 -29.59 -30.64 -20.92
C VAL B 307 -30.79 -30.90 -20.00
N LEU B 308 -31.46 -29.81 -19.58
CA LEU B 308 -32.57 -29.84 -18.62
C LEU B 308 -33.94 -29.48 -19.18
N ASP B 309 -35.00 -29.90 -18.48
CA ASP B 309 -36.38 -29.57 -18.87
C ASP B 309 -36.91 -28.35 -18.09
N SER B 310 -38.19 -27.98 -18.31
CA SER B 310 -38.92 -26.88 -17.67
C SER B 310 -38.89 -26.95 -16.13
N SER B 311 -38.82 -28.18 -15.55
CA SER B 311 -38.77 -28.44 -14.11
C SER B 311 -37.34 -28.62 -13.58
N LEU B 312 -36.34 -28.32 -14.44
CA LEU B 312 -34.89 -28.41 -14.21
C LEU B 312 -34.35 -29.85 -14.10
N SER B 313 -35.20 -30.85 -14.43
CA SER B 313 -34.82 -32.26 -14.43
C SER B 313 -33.91 -32.57 -15.62
N GLU B 314 -32.93 -33.43 -15.39
CA GLU B 314 -31.92 -33.82 -16.37
C GLU B 314 -32.45 -34.87 -17.34
N LEU B 315 -32.24 -34.62 -18.65
CA LEU B 315 -32.67 -35.49 -19.76
C LEU B 315 -31.45 -36.02 -20.52
N PHE B 316 -30.36 -35.22 -20.55
CA PHE B 316 -29.10 -35.52 -21.23
C PHE B 316 -27.92 -35.10 -20.37
N ARG B 317 -26.83 -35.86 -20.49
CA ARG B 317 -25.57 -35.64 -19.79
C ARG B 317 -24.43 -36.09 -20.71
N SER B 318 -23.41 -35.25 -20.85
CA SER B 318 -22.23 -35.57 -21.66
C SER B 318 -20.95 -35.29 -20.90
N GLN B 319 -20.06 -36.29 -20.90
CA GLN B 319 -18.73 -36.24 -20.26
C GLN B 319 -17.65 -36.32 -21.35
N ALA B 320 -17.97 -35.82 -22.56
CA ALA B 320 -17.10 -35.82 -23.74
C ALA B 320 -15.86 -34.95 -23.56
N HIS B 321 -16.00 -33.85 -22.80
CA HIS B 321 -14.90 -32.94 -22.58
C HIS B 321 -13.92 -33.40 -21.54
N ARG B 322 -12.63 -33.26 -21.86
CA ARG B 322 -11.50 -33.61 -21.00
C ARG B 322 -11.03 -32.39 -20.17
N ASP B 323 -11.48 -31.18 -20.54
CA ASP B 323 -11.19 -29.93 -19.86
C ASP B 323 -12.51 -29.14 -19.71
N PHE B 324 -12.46 -27.93 -19.12
CA PHE B 324 -13.62 -27.05 -18.89
C PHE B 324 -14.47 -26.84 -20.14
N VAL B 325 -15.81 -26.93 -20.03
CA VAL B 325 -16.79 -26.69 -21.12
C VAL B 325 -17.09 -25.17 -21.11
N ARG B 326 -16.75 -24.50 -22.21
CA ARG B 326 -16.80 -23.04 -22.28
C ARG B 326 -18.00 -22.38 -22.89
N ASP B 327 -18.54 -22.98 -23.96
CA ASP B 327 -19.72 -22.45 -24.63
C ASP B 327 -20.55 -23.55 -25.26
N ALA B 328 -21.84 -23.27 -25.40
CA ALA B 328 -22.79 -24.17 -26.06
C ALA B 328 -23.64 -23.34 -26.97
N THR B 329 -24.02 -23.92 -28.12
CA THR B 329 -24.84 -23.29 -29.14
C THR B 329 -25.72 -24.33 -29.81
N TRP B 330 -27.04 -24.05 -29.88
CA TRP B 330 -28.03 -24.92 -30.53
C TRP B 330 -28.13 -24.61 -32.01
N SER B 331 -28.13 -25.66 -32.84
CA SER B 331 -28.25 -25.56 -34.29
C SER B 331 -29.57 -24.94 -34.73
N PRO B 332 -29.52 -23.95 -35.65
CA PRO B 332 -30.78 -23.34 -36.14
C PRO B 332 -31.46 -24.21 -37.20
N LEU B 333 -30.74 -25.24 -37.72
CA LEU B 333 -31.23 -26.15 -38.76
C LEU B 333 -31.79 -27.42 -38.10
N ASN B 334 -30.98 -28.09 -37.25
CA ASN B 334 -31.40 -29.30 -36.52
C ASN B 334 -31.50 -28.98 -35.02
N HIS B 335 -32.73 -28.68 -34.55
CA HIS B 335 -33.06 -28.32 -33.17
C HIS B 335 -32.62 -29.32 -32.08
N SER B 336 -32.35 -30.58 -32.47
CA SER B 336 -31.88 -31.66 -31.57
C SER B 336 -30.34 -31.64 -31.46
N LEU B 337 -29.65 -30.86 -32.33
CA LEU B 337 -28.20 -30.77 -32.36
C LEU B 337 -27.67 -29.60 -31.57
N LEU B 338 -26.81 -29.91 -30.58
CA LEU B 338 -26.19 -28.93 -29.72
C LEU B 338 -24.68 -29.11 -29.75
N THR B 339 -23.96 -28.02 -30.03
CA THR B 339 -22.51 -27.98 -30.13
C THR B 339 -21.88 -27.34 -28.90
N THR B 340 -20.87 -28.00 -28.32
CA THR B 340 -20.11 -27.46 -27.18
C THR B 340 -18.65 -27.33 -27.54
N VAL B 341 -17.97 -26.36 -26.94
CA VAL B 341 -16.53 -26.15 -27.09
C VAL B 341 -15.88 -26.11 -25.70
N GLY B 342 -14.61 -26.53 -25.62
CA GLY B 342 -13.88 -26.58 -24.36
C GLY B 342 -12.40 -26.26 -24.42
N TRP B 343 -11.76 -26.25 -23.26
CA TRP B 343 -10.34 -25.96 -23.20
C TRP B 343 -9.45 -27.12 -23.65
N ASP B 344 -10.06 -28.28 -23.95
CA ASP B 344 -9.41 -29.48 -24.49
C ASP B 344 -9.32 -29.42 -26.03
N HIS B 345 -9.72 -28.27 -26.63
CA HIS B 345 -9.74 -27.97 -28.08
C HIS B 345 -10.77 -28.81 -28.85
N GLN B 346 -11.77 -29.36 -28.14
CA GLN B 346 -12.82 -30.15 -28.78
C GLN B 346 -14.07 -29.35 -29.10
N VAL B 347 -14.62 -29.57 -30.29
CA VAL B 347 -15.88 -29.04 -30.79
C VAL B 347 -16.74 -30.31 -30.86
N VAL B 348 -17.62 -30.52 -29.86
CA VAL B 348 -18.46 -31.73 -29.81
C VAL B 348 -19.85 -31.36 -30.27
N HIS B 349 -20.42 -32.15 -31.20
CA HIS B 349 -21.76 -32.02 -31.74
C HIS B 349 -22.62 -33.12 -31.08
N HIS B 350 -23.49 -32.71 -30.14
CA HIS B 350 -24.36 -33.62 -29.37
C HIS B 350 -25.75 -33.78 -29.98
N VAL B 351 -26.25 -35.03 -30.02
CA VAL B 351 -27.62 -35.30 -30.45
C VAL B 351 -28.45 -35.49 -29.17
N VAL B 352 -29.37 -34.56 -28.91
CA VAL B 352 -30.15 -34.54 -27.67
C VAL B 352 -31.49 -35.26 -27.79
N PRO B 353 -31.78 -36.24 -26.89
CA PRO B 353 -33.06 -36.95 -26.97
C PRO B 353 -34.19 -36.21 -26.25
N ARG C 3 20.82 13.18 18.00
CA ARG C 3 21.97 12.89 18.90
C ARG C 3 22.23 11.34 19.13
CS MTA D . 29.61 18.26 23.72
S5' MTA D . 29.07 16.64 24.38
C5' MTA D . 29.51 16.73 26.14
C4' MTA D . 31.03 16.93 26.44
O4' MTA D . 31.22 17.05 27.86
C2' MTA D . 32.19 14.99 27.28
O2' MTA D . 33.41 14.26 27.32
C3' MTA D . 31.96 15.79 25.98
O3' MTA D . 33.17 16.26 25.41
C1' MTA D . 32.17 16.12 28.29
N9 MTA D . 31.76 15.66 29.65
C8 MTA D . 30.64 14.96 30.01
N7 MTA D . 30.54 14.74 31.29
C5 MTA D . 31.65 15.35 31.85
C6 MTA D . 32.14 15.48 33.17
N6 MTA D . 31.51 14.97 34.24
N1 MTA D . 33.29 16.20 33.37
C2 MTA D . 33.91 16.75 32.31
N3 MTA D . 33.56 16.68 31.00
C4 MTA D . 32.39 15.99 30.83
#